data_8H4O
#
_entry.id   8H4O
#
_cell.length_a   71.532
_cell.length_b   80.613
_cell.length_c   147.649
_cell.angle_alpha   90.00
_cell.angle_beta   90.00
_cell.angle_gamma   90.00
#
_symmetry.space_group_name_H-M   'P 21 21 21'
#
loop_
_entity.id
_entity.type
_entity.pdbx_description
1 polymer 'T-cell-specific guanine nucleotide triphosphate-binding protein 2'
2 water water
#
_entity_poly.entity_id   1
_entity_poly.type   'polypeptide(L)'
_entity_poly.pdbx_seq_one_letter_code
;GPMAWASSFDAFFKNFKRESKIISEYDITLIMTYIEENKLQKAVSVIEKVLRDIESAPLHIAVTGETGAGKSTFINTLRG
VGHEEKGAAPTGAIETDMKRTPYPHPKLPNVTIWDLPGIGTTNFTPQNYLTEMKFGEYDFFIIISATRFKENDAQLAKAI
AQMGMNFYFVRTKIDSDLDNEQKFKPKSFNKEEVLKNIKDYCSNHLQESLDSEPPVFLVSNVDISKYDFPKLETKLLQDL
PAHKRHVFSLSLQSLTEATINYKRDSLKQKVFLEAMKAGALATIPLGGMISDILENLDETFNLYRSYFGLDDASLENIAQ
DLNMSVDDFKVHLRFPHLFAEHNDESLEDKLFKYIKHISSVTGGPVAAVTYYRMAYYLQNLFLDTAANDAIALLNSKALF
EKKVGPYISEPPEYWEA
;
_entity_poly.pdbx_strand_id   A,B
#
# COMPACT_ATOMS: atom_id res chain seq x y z
N GLY A 1 -23.20 16.89 -21.04
CA GLY A 1 -23.05 16.50 -19.65
C GLY A 1 -22.55 15.08 -19.48
N PRO A 2 -23.46 14.18 -19.08
CA PRO A 2 -23.05 12.78 -18.90
C PRO A 2 -22.33 12.21 -20.12
N MET A 3 -22.90 12.37 -21.31
CA MET A 3 -22.27 11.77 -22.49
C MET A 3 -20.91 12.37 -22.80
N ALA A 4 -20.67 13.63 -22.43
CA ALA A 4 -19.40 14.27 -22.76
C ALA A 4 -18.28 13.89 -21.79
N TRP A 5 -18.59 13.72 -20.50
CA TRP A 5 -17.56 13.29 -19.56
C TRP A 5 -17.15 11.84 -19.78
N ALA A 6 -18.06 11.01 -20.27
CA ALA A 6 -17.65 9.65 -20.62
C ALA A 6 -16.72 9.65 -21.81
N SER A 7 -16.85 10.63 -22.72
CA SER A 7 -15.98 10.63 -23.90
C SER A 7 -14.58 11.14 -23.56
N SER A 8 -14.49 12.17 -22.70
CA SER A 8 -13.20 12.60 -22.17
C SER A 8 -12.49 11.46 -21.44
N PHE A 9 -13.21 10.76 -20.56
CA PHE A 9 -12.66 9.57 -19.91
C PHE A 9 -12.16 8.56 -20.94
N ASP A 10 -13.00 8.22 -21.92
CA ASP A 10 -12.59 7.31 -22.99
C ASP A 10 -11.38 7.85 -23.75
N ALA A 11 -11.43 9.14 -24.13
CA ALA A 11 -10.33 9.73 -24.92
C ALA A 11 -9.04 9.83 -24.13
N PHE A 12 -9.10 10.09 -22.81
CA PHE A 12 -7.88 10.06 -22.01
C PHE A 12 -7.18 8.71 -22.12
N PHE A 13 -7.90 7.63 -21.81
CA PHE A 13 -7.23 6.34 -21.73
C PHE A 13 -6.87 5.77 -23.10
N LYS A 14 -7.53 6.20 -24.16
CA LYS A 14 -7.13 5.81 -25.52
C LYS A 14 -5.73 6.27 -25.87
N ASN A 15 -5.18 7.23 -25.14
CA ASN A 15 -3.88 7.81 -25.46
C ASN A 15 -2.68 6.98 -25.00
N PHE A 16 -2.87 5.82 -24.41
CA PHE A 16 -1.77 5.10 -23.77
C PHE A 16 -1.54 3.76 -24.45
N LYS A 17 -0.28 3.32 -24.47
CA LYS A 17 0.06 2.01 -24.98
C LYS A 17 -0.73 0.94 -24.22
N ARG A 18 -1.15 -0.09 -24.95
CA ARG A 18 -2.03 -1.10 -24.38
C ARG A 18 -1.42 -1.76 -23.14
N GLU A 19 -0.10 -2.02 -23.16
CA GLU A 19 0.51 -2.73 -22.04
C GLU A 19 0.72 -1.84 -20.82
N SER A 20 0.41 -0.55 -20.91
CA SER A 20 0.62 0.34 -19.78
C SER A 20 -0.68 0.71 -19.07
N LYS A 21 -1.83 0.31 -19.58
CA LYS A 21 -3.11 0.71 -18.99
C LYS A 21 -3.34 0.06 -17.61
N ILE A 22 -3.56 0.90 -16.58
CA ILE A 22 -3.69 0.40 -15.22
C ILE A 22 -5.12 0.02 -14.87
N ILE A 23 -6.06 0.22 -15.78
CA ILE A 23 -7.41 -0.31 -15.60
C ILE A 23 -7.74 -1.13 -16.84
N SER A 24 -8.56 -2.15 -16.64
CA SER A 24 -8.97 -3.00 -17.75
C SER A 24 -10.07 -2.32 -18.58
N GLU A 25 -10.23 -2.80 -19.82
CA GLU A 25 -11.27 -2.30 -20.70
C GLU A 25 -12.65 -2.60 -20.15
N TYR A 26 -12.79 -3.62 -19.30
CA TYR A 26 -14.06 -3.80 -18.64
C TYR A 26 -14.30 -2.68 -17.63
N ASP A 27 -13.30 -2.41 -16.77
CA ASP A 27 -13.36 -1.28 -15.82
C ASP A 27 -13.80 0.00 -16.53
N ILE A 28 -13.10 0.35 -17.62
CA ILE A 28 -13.43 1.53 -18.40
C ILE A 28 -14.88 1.46 -18.85
N THR A 29 -15.31 0.30 -19.34
CA THR A 29 -16.67 0.15 -19.85
C THR A 29 -17.70 0.34 -18.74
N LEU A 30 -17.42 -0.23 -17.57
CA LEU A 30 -18.30 -0.05 -16.41
C LEU A 30 -18.38 1.42 -16.02
N ILE A 31 -17.22 2.05 -15.82
CA ILE A 31 -17.18 3.45 -15.43
C ILE A 31 -17.93 4.32 -16.42
N MET A 32 -17.74 4.06 -17.72
CA MET A 32 -18.43 4.83 -18.75
C MET A 32 -19.94 4.59 -18.70
N THR A 33 -20.35 3.37 -18.43
CA THR A 33 -21.77 3.06 -18.30
C THR A 33 -22.40 3.92 -17.19
N TYR A 34 -21.80 3.91 -16.01
CA TYR A 34 -22.35 4.68 -14.90
C TYR A 34 -22.35 6.17 -15.20
N ILE A 35 -21.28 6.68 -15.80
CA ILE A 35 -21.25 8.10 -16.16
C ILE A 35 -22.38 8.41 -17.14
N GLU A 36 -22.59 7.54 -18.13
CA GLU A 36 -23.59 7.82 -19.15
C GLU A 36 -25.01 7.74 -18.60
N GLU A 37 -25.24 6.92 -17.59
CA GLU A 37 -26.55 6.80 -16.97
C GLU A 37 -26.78 7.88 -15.93
N ASN A 38 -25.90 8.87 -15.87
CA ASN A 38 -25.94 9.93 -14.87
C ASN A 38 -25.94 9.34 -13.46
N LYS A 39 -25.07 8.35 -13.26
CA LYS A 39 -24.78 7.79 -11.93
C LYS A 39 -23.33 8.06 -11.55
N LEU A 40 -22.96 9.33 -11.39
CA LEU A 40 -21.56 9.67 -11.16
C LEU A 40 -21.06 9.16 -9.80
N GLN A 41 -21.93 9.12 -8.78
CA GLN A 41 -21.48 8.62 -7.49
C GLN A 41 -21.11 7.14 -7.57
N LYS A 42 -21.91 6.36 -8.29
CA LYS A 42 -21.56 4.96 -8.54
C LYS A 42 -20.26 4.86 -9.32
N ALA A 43 -20.08 5.71 -10.35
CA ALA A 43 -18.83 5.71 -11.10
C ALA A 43 -17.63 5.99 -10.21
N VAL A 44 -17.80 6.92 -9.26
CA VAL A 44 -16.72 7.28 -8.34
C VAL A 44 -16.39 6.11 -7.41
N SER A 45 -17.39 5.38 -6.91
CA SER A 45 -17.05 4.28 -6.02
C SER A 45 -16.30 3.16 -6.74
N VAL A 46 -16.56 2.97 -8.05
CA VAL A 46 -15.78 2.00 -8.82
C VAL A 46 -14.32 2.45 -8.92
N ILE A 47 -14.12 3.73 -9.21
CA ILE A 47 -12.76 4.27 -9.30
C ILE A 47 -12.03 4.14 -7.98
N GLU A 48 -12.71 4.42 -6.86
CA GLU A 48 -12.09 4.23 -5.55
C GLU A 48 -11.66 2.79 -5.34
N LYS A 49 -12.53 1.84 -5.71
CA LYS A 49 -12.18 0.43 -5.51
C LYS A 49 -10.97 0.04 -6.36
N VAL A 50 -10.96 0.51 -7.60
CA VAL A 50 -9.84 0.28 -8.49
C VAL A 50 -8.55 0.84 -7.90
N LEU A 51 -8.61 2.08 -7.39
CA LEU A 51 -7.42 2.72 -6.85
C LEU A 51 -6.90 2.01 -5.60
N ARG A 52 -7.82 1.50 -4.77
CA ARG A 52 -7.39 0.69 -3.63
C ARG A 52 -6.68 -0.58 -4.09
N ASP A 53 -7.21 -1.24 -5.10
CA ASP A 53 -6.52 -2.44 -5.58
C ASP A 53 -5.14 -2.08 -6.13
N ILE A 54 -5.06 -0.97 -6.87
CA ILE A 54 -3.80 -0.54 -7.47
C ILE A 54 -2.77 -0.20 -6.41
N GLU A 55 -3.15 0.58 -5.39
CA GLU A 55 -2.19 1.06 -4.39
C GLU A 55 -1.72 -0.05 -3.44
N SER A 56 -2.54 -1.07 -3.20
CA SER A 56 -2.15 -2.14 -2.29
C SER A 56 -1.63 -3.39 -3.00
N ALA A 57 -1.55 -3.38 -4.33
CA ALA A 57 -1.18 -4.56 -5.07
C ALA A 57 0.26 -4.94 -4.75
N PRO A 58 0.52 -6.15 -4.25
CA PRO A 58 1.91 -6.58 -4.07
C PRO A 58 2.43 -7.21 -5.37
N LEU A 59 3.75 -7.30 -5.44
CA LEU A 59 4.39 -7.98 -6.56
C LEU A 59 5.42 -8.97 -6.04
N HIS A 60 5.23 -10.25 -6.38
CA HIS A 60 6.11 -11.33 -5.98
C HIS A 60 6.62 -12.03 -7.24
N ILE A 61 7.92 -11.94 -7.47
CA ILE A 61 8.55 -12.51 -8.67
C ILE A 61 9.45 -13.67 -8.26
N ALA A 62 9.22 -14.84 -8.88
CA ALA A 62 10.03 -16.02 -8.61
C ALA A 62 11.10 -16.14 -9.68
N VAL A 63 12.37 -16.13 -9.27
CA VAL A 63 13.52 -16.36 -10.15
C VAL A 63 14.07 -17.75 -9.86
N THR A 64 13.86 -18.69 -10.77
CA THR A 64 14.24 -20.09 -10.58
C THR A 64 15.33 -20.46 -11.59
N GLY A 65 16.35 -21.16 -11.11
CA GLY A 65 17.48 -21.53 -11.94
C GLY A 65 18.63 -22.02 -11.08
N GLU A 66 19.68 -22.46 -11.77
CA GLU A 66 20.86 -22.99 -11.09
C GLU A 66 21.80 -21.85 -10.65
N THR A 67 22.67 -22.17 -9.71
CA THR A 67 23.51 -21.13 -9.09
C THR A 67 24.54 -20.55 -10.06
N GLY A 68 24.98 -21.32 -11.05
CA GLY A 68 25.88 -20.81 -12.07
C GLY A 68 25.27 -19.76 -12.99
N ALA A 69 23.95 -19.56 -12.92
CA ALA A 69 23.28 -18.57 -13.77
C ALA A 69 23.44 -17.15 -13.26
N GLY A 70 24.25 -16.92 -12.24
CA GLY A 70 24.36 -15.58 -11.66
C GLY A 70 23.02 -15.05 -11.17
N LYS A 71 22.21 -15.89 -10.51
CA LYS A 71 20.92 -15.43 -10.02
C LYS A 71 21.05 -14.26 -9.07
N SER A 72 22.10 -14.26 -8.22
CA SER A 72 22.25 -13.18 -7.25
C SER A 72 22.49 -11.83 -7.92
N THR A 73 23.34 -11.81 -8.94
CA THR A 73 23.59 -10.57 -9.67
C THR A 73 22.35 -10.14 -10.46
N PHE A 74 21.60 -11.10 -11.00
CA PHE A 74 20.36 -10.77 -11.70
C PHE A 74 19.37 -10.12 -10.75
N ILE A 75 19.14 -10.75 -9.59
CA ILE A 75 18.19 -10.23 -8.62
C ILE A 75 18.58 -8.84 -8.12
N ASN A 76 19.87 -8.63 -7.86
CA ASN A 76 20.32 -7.31 -7.40
C ASN A 76 20.12 -6.27 -8.50
N THR A 77 20.34 -6.66 -9.76
CA THR A 77 20.16 -5.70 -10.84
C THR A 77 18.70 -5.35 -11.05
N LEU A 78 17.78 -6.31 -10.83
CA LEU A 78 16.35 -6.01 -10.86
C LEU A 78 15.97 -4.97 -9.82
N ARG A 79 16.52 -5.10 -8.61
CA ARG A 79 16.14 -4.23 -7.52
C ARG A 79 16.94 -2.94 -7.46
N GLY A 80 17.88 -2.74 -8.39
CA GLY A 80 18.79 -1.61 -8.30
C GLY A 80 19.84 -1.71 -7.23
N VAL A 81 20.17 -2.93 -6.79
CA VAL A 81 21.17 -3.17 -5.75
C VAL A 81 22.54 -3.50 -6.36
N MET A 98 17.90 -25.55 -0.79
CA MET A 98 16.64 -26.16 -1.18
C MET A 98 15.45 -25.30 -0.74
N LYS A 99 15.76 -24.12 -0.20
CA LYS A 99 14.76 -23.21 0.35
C LYS A 99 14.77 -21.89 -0.41
N ARG A 100 13.59 -21.33 -0.64
CA ARG A 100 13.50 -20.06 -1.33
C ARG A 100 13.92 -18.92 -0.40
N THR A 101 14.45 -17.85 -1.00
CA THR A 101 14.93 -16.70 -0.25
C THR A 101 14.32 -15.42 -0.82
N PRO A 102 13.68 -14.59 0.00
CA PRO A 102 13.13 -13.31 -0.50
C PRO A 102 14.13 -12.16 -0.50
N TYR A 103 13.93 -11.26 -1.46
CA TYR A 103 14.76 -10.06 -1.60
C TYR A 103 13.85 -8.87 -1.86
N PRO A 104 13.37 -8.21 -0.80
CA PRO A 104 12.53 -7.03 -0.99
C PRO A 104 13.24 -5.95 -1.79
N HIS A 105 12.45 -5.24 -2.59
CA HIS A 105 12.93 -4.08 -3.32
C HIS A 105 13.33 -2.98 -2.34
N PRO A 106 14.42 -2.25 -2.58
CA PRO A 106 14.86 -1.24 -1.59
C PRO A 106 13.94 -0.03 -1.48
N LYS A 107 13.21 0.34 -2.53
CA LYS A 107 12.33 1.51 -2.48
C LYS A 107 10.85 1.14 -2.37
N LEU A 108 10.50 -0.11 -2.62
CA LEU A 108 9.10 -0.55 -2.65
C LEU A 108 8.95 -1.80 -1.77
N PRO A 109 8.53 -1.65 -0.51
CA PRO A 109 8.38 -2.83 0.36
C PRO A 109 7.38 -3.87 -0.16
N ASN A 110 6.42 -3.49 -1.00
CA ASN A 110 5.42 -4.44 -1.46
C ASN A 110 5.89 -5.24 -2.69
N VAL A 111 7.16 -5.11 -3.06
CA VAL A 111 7.76 -5.86 -4.16
C VAL A 111 8.85 -6.75 -3.58
N THR A 112 8.78 -8.05 -3.91
CA THR A 112 9.73 -9.06 -3.42
C THR A 112 10.16 -9.94 -4.59
N ILE A 113 11.46 -10.02 -4.83
CA ILE A 113 12.07 -10.95 -5.79
C ILE A 113 12.58 -12.15 -5.01
N TRP A 114 12.11 -13.35 -5.36
CA TRP A 114 12.44 -14.58 -4.64
C TRP A 114 13.51 -15.37 -5.40
N ASP A 115 14.51 -15.84 -4.66
CA ASP A 115 15.52 -16.75 -5.18
C ASP A 115 15.06 -18.19 -4.92
N LEU A 116 14.67 -18.90 -6.01
CA LEU A 116 14.21 -20.29 -5.93
C LEU A 116 15.31 -21.23 -6.42
N PRO A 117 15.66 -22.27 -5.65
CA PRO A 117 16.74 -23.17 -6.10
C PRO A 117 16.37 -23.90 -7.38
N GLY A 118 17.37 -24.13 -8.22
CA GLY A 118 17.17 -24.87 -9.45
C GLY A 118 16.42 -26.16 -9.22
N ILE A 119 15.45 -26.47 -10.07
CA ILE A 119 14.70 -27.73 -9.91
C ILE A 119 15.63 -28.92 -10.02
N GLY A 120 16.64 -28.84 -10.91
CA GLY A 120 17.65 -29.87 -10.97
C GLY A 120 18.49 -29.97 -9.70
N THR A 121 18.70 -28.83 -9.02
CA THR A 121 19.42 -28.84 -7.75
C THR A 121 18.66 -29.64 -6.69
N THR A 122 17.35 -29.44 -6.62
CA THR A 122 16.50 -30.29 -5.82
C THR A 122 16.28 -31.59 -6.58
N ASN A 123 15.53 -32.52 -6.00
CA ASN A 123 15.14 -33.69 -6.77
C ASN A 123 13.62 -33.81 -6.87
N PHE A 124 12.92 -32.69 -6.87
CA PHE A 124 11.47 -32.70 -6.97
C PHE A 124 11.04 -32.88 -8.42
N THR A 125 9.86 -33.45 -8.60
CA THR A 125 9.17 -33.35 -9.87
C THR A 125 8.64 -31.92 -10.03
N PRO A 126 8.33 -31.50 -11.27
CA PRO A 126 7.79 -30.13 -11.48
C PRO A 126 6.60 -29.77 -10.60
N GLN A 127 5.61 -30.66 -10.52
CA GLN A 127 4.44 -30.40 -9.72
C GLN A 127 4.79 -30.32 -8.25
N ASN A 128 5.70 -31.18 -7.79
CA ASN A 128 6.12 -31.18 -6.40
C ASN A 128 7.00 -29.96 -6.08
N TYR A 129 7.87 -29.57 -7.03
CA TYR A 129 8.67 -28.36 -6.89
C TYR A 129 7.78 -27.13 -6.72
N LEU A 130 6.79 -26.98 -7.59
CA LEU A 130 5.87 -25.85 -7.50
C LEU A 130 5.18 -25.80 -6.12
N THR A 131 4.66 -26.93 -5.65
CA THR A 131 4.01 -26.93 -4.35
C THR A 131 5.01 -26.62 -3.24
N GLU A 132 6.23 -27.14 -3.34
CA GLU A 132 7.23 -26.89 -2.31
C GLU A 132 7.64 -25.42 -2.27
N MET A 133 7.72 -24.77 -3.43
CA MET A 133 8.14 -23.37 -3.53
C MET A 133 6.97 -22.38 -3.41
N LYS A 134 5.76 -22.86 -3.10
CA LYS A 134 4.59 -22.01 -2.87
C LYS A 134 4.23 -21.19 -4.12
N PHE A 135 3.95 -21.92 -5.21
CA PHE A 135 3.79 -21.29 -6.52
C PHE A 135 2.65 -20.29 -6.57
N GLY A 136 1.67 -20.39 -5.66
CA GLY A 136 0.51 -19.51 -5.71
C GLY A 136 0.77 -18.09 -5.26
N GLU A 137 1.88 -17.85 -4.58
CA GLU A 137 2.25 -16.55 -4.07
C GLU A 137 2.82 -15.63 -5.16
N TYR A 138 3.15 -16.14 -6.34
CA TYR A 138 3.94 -15.37 -7.29
C TYR A 138 3.07 -14.80 -8.40
N ASP A 139 3.50 -13.65 -8.94
CA ASP A 139 2.82 -13.10 -10.11
C ASP A 139 3.32 -13.73 -11.41
N PHE A 140 4.60 -14.09 -11.49
CA PHE A 140 5.11 -14.84 -12.63
C PHE A 140 6.44 -15.48 -12.25
N PHE A 141 6.93 -16.36 -13.12
CA PHE A 141 8.20 -17.07 -12.92
C PHE A 141 9.21 -16.65 -13.97
N ILE A 142 10.45 -16.39 -13.54
CA ILE A 142 11.57 -16.20 -14.45
C ILE A 142 12.46 -17.43 -14.34
N ILE A 143 12.60 -18.16 -15.46
CA ILE A 143 13.46 -19.35 -15.52
C ILE A 143 14.78 -18.92 -16.15
N ILE A 144 15.84 -18.91 -15.36
CA ILE A 144 17.10 -18.32 -15.79
C ILE A 144 18.15 -19.40 -15.96
N SER A 145 19.04 -19.17 -16.94
CA SER A 145 20.17 -20.04 -17.24
C SER A 145 21.28 -19.19 -17.82
N ALA A 146 22.51 -19.48 -17.42
CA ALA A 146 23.67 -18.92 -18.11
C ALA A 146 24.11 -19.78 -19.29
N THR A 147 23.35 -20.81 -19.65
CA THR A 147 23.90 -21.68 -20.68
C THR A 147 22.83 -22.08 -21.68
N ARG A 148 22.14 -23.16 -21.37
CA ARG A 148 21.00 -23.62 -22.17
C ARG A 148 19.97 -24.11 -21.20
N PHE A 149 18.72 -24.14 -21.64
CA PHE A 149 17.63 -24.55 -20.76
C PHE A 149 17.38 -26.03 -20.96
N LYS A 150 17.49 -26.79 -19.86
CA LYS A 150 17.42 -28.24 -19.96
C LYS A 150 15.97 -28.71 -20.04
N GLU A 151 15.79 -30.01 -20.30
CA GLU A 151 14.44 -30.54 -20.47
C GLU A 151 13.65 -30.44 -19.17
N ASN A 152 14.35 -30.47 -18.05
CA ASN A 152 13.69 -30.24 -16.76
C ASN A 152 13.12 -28.83 -16.67
N ASP A 153 13.87 -27.85 -17.17
CA ASP A 153 13.35 -26.48 -17.30
C ASP A 153 12.07 -26.45 -18.12
N ALA A 154 12.05 -27.18 -19.25
CA ALA A 154 10.86 -27.18 -20.09
C ALA A 154 9.68 -27.83 -19.38
N GLN A 155 9.94 -28.93 -18.65
CA GLN A 155 8.91 -29.58 -17.86
C GLN A 155 8.35 -28.65 -16.78
N LEU A 156 9.23 -27.91 -16.10
CA LEU A 156 8.78 -26.91 -15.13
C LEU A 156 7.85 -25.89 -15.76
N ALA A 157 8.26 -25.34 -16.91
CA ALA A 157 7.44 -24.34 -17.61
C ALA A 157 6.07 -24.92 -17.93
N LYS A 158 6.04 -26.14 -18.43
CA LYS A 158 4.79 -26.80 -18.77
C LYS A 158 3.87 -26.91 -17.56
N ALA A 159 4.42 -27.25 -16.39
CA ALA A 159 3.60 -27.29 -15.18
C ALA A 159 3.07 -25.90 -14.83
N ILE A 160 3.96 -24.89 -14.84
CA ILE A 160 3.56 -23.50 -14.54
C ILE A 160 2.39 -23.10 -15.43
N ALA A 161 2.48 -23.39 -16.73
CA ALA A 161 1.41 -23.03 -17.66
C ALA A 161 0.13 -23.82 -17.37
N GLN A 162 0.27 -25.07 -16.90
CA GLN A 162 -0.90 -25.84 -16.50
C GLN A 162 -1.54 -25.27 -15.24
N MET A 163 -0.77 -24.59 -14.40
CA MET A 163 -1.33 -23.89 -13.26
C MET A 163 -1.96 -22.56 -13.66
N GLY A 164 -2.08 -22.31 -14.96
CA GLY A 164 -2.54 -21.04 -15.50
C GLY A 164 -1.66 -19.85 -15.17
N MET A 165 -0.35 -20.04 -15.05
CA MET A 165 0.54 -18.95 -14.71
C MET A 165 1.51 -18.69 -15.86
N ASN A 166 2.33 -17.65 -15.70
CA ASN A 166 3.21 -17.18 -16.75
C ASN A 166 4.66 -17.46 -16.38
N PHE A 167 5.45 -17.83 -17.38
CA PHE A 167 6.88 -18.07 -17.21
C PHE A 167 7.61 -17.35 -18.32
N TYR A 168 8.87 -17.01 -18.08
CA TYR A 168 9.72 -16.36 -19.08
C TYR A 168 11.09 -16.98 -18.98
N PHE A 169 11.59 -17.49 -20.12
CA PHE A 169 12.94 -18.05 -20.19
C PHE A 169 13.96 -16.93 -20.41
N VAL A 170 14.93 -16.80 -19.50
CA VAL A 170 15.90 -15.73 -19.60
C VAL A 170 17.30 -16.34 -19.65
N ARG A 171 18.03 -16.10 -20.75
CA ARG A 171 19.41 -16.55 -20.91
C ARG A 171 20.35 -15.40 -20.55
N THR A 172 21.09 -15.57 -19.46
CA THR A 172 21.91 -14.53 -18.88
C THR A 172 23.39 -14.71 -19.23
N LYS A 173 24.22 -13.79 -18.73
CA LYS A 173 25.68 -13.78 -18.95
C LYS A 173 26.05 -13.65 -20.43
N ILE A 174 25.18 -13.00 -21.20
CA ILE A 174 25.41 -12.80 -22.64
C ILE A 174 26.67 -11.98 -22.87
N ASP A 175 26.95 -11.02 -21.98
CA ASP A 175 28.12 -10.17 -22.16
C ASP A 175 29.41 -10.96 -21.97
N SER A 176 29.41 -11.94 -21.07
CA SER A 176 30.59 -12.79 -20.88
C SER A 176 30.88 -13.65 -22.12
N ASP A 177 29.84 -14.20 -22.75
CA ASP A 177 30.05 -15.04 -23.93
C ASP A 177 30.51 -14.21 -25.12
N LEU A 178 29.95 -13.01 -25.29
CA LEU A 178 30.38 -12.12 -26.36
C LEU A 178 31.82 -11.68 -26.16
N ASP A 179 32.19 -11.37 -24.91
CA ASP A 179 33.57 -11.01 -24.60
C ASP A 179 34.52 -12.15 -24.96
N ASN A 180 34.23 -13.36 -24.48
CA ASN A 180 35.08 -14.51 -24.80
C ASN A 180 35.22 -14.67 -26.30
N GLU A 181 34.10 -14.64 -27.03
CA GLU A 181 34.16 -14.78 -28.49
C GLU A 181 34.97 -13.65 -29.11
N GLN A 182 34.79 -12.42 -28.62
CA GLN A 182 35.52 -11.28 -29.19
C GLN A 182 37.02 -11.41 -28.97
N LYS A 183 37.45 -11.81 -27.76
CA LYS A 183 38.87 -12.00 -27.53
C LYS A 183 39.40 -13.19 -28.31
N PHE A 184 38.54 -14.16 -28.60
CA PHE A 184 38.92 -15.32 -29.38
C PHE A 184 39.15 -14.94 -30.84
N LYS A 185 38.24 -14.14 -31.42
CA LYS A 185 38.26 -13.80 -32.84
C LYS A 185 38.04 -12.29 -33.04
N PRO A 186 39.02 -11.48 -32.67
CA PRO A 186 38.81 -10.01 -32.68
C PRO A 186 38.46 -9.43 -34.05
N LYS A 187 38.98 -10.01 -35.14
CA LYS A 187 38.80 -9.41 -36.47
C LYS A 187 37.63 -9.98 -37.25
N SER A 188 37.04 -11.10 -36.80
CA SER A 188 35.85 -11.66 -37.42
C SER A 188 34.72 -11.80 -36.43
N PHE A 189 34.81 -11.11 -35.28
CA PHE A 189 33.73 -11.13 -34.31
C PHE A 189 32.44 -10.65 -34.94
N ASN A 190 31.44 -11.53 -34.98
CA ASN A 190 30.10 -11.15 -35.45
C ASN A 190 29.13 -11.25 -34.26
N LYS A 191 28.79 -10.10 -33.68
CA LYS A 191 27.94 -10.09 -32.49
C LYS A 191 26.60 -10.75 -32.77
N GLU A 192 25.98 -10.41 -33.91
CA GLU A 192 24.63 -10.88 -34.19
C GLU A 192 24.59 -12.38 -34.48
N GLU A 193 25.69 -12.94 -34.97
CA GLU A 193 25.74 -14.39 -35.20
C GLU A 193 25.80 -15.14 -33.87
N VAL A 194 26.56 -14.63 -32.90
CA VAL A 194 26.60 -15.26 -31.58
C VAL A 194 25.23 -15.26 -30.95
N LEU A 195 24.57 -14.09 -30.93
CA LEU A 195 23.25 -14.00 -30.33
C LEU A 195 22.29 -14.96 -31.00
N LYS A 196 22.33 -15.03 -32.32
CA LYS A 196 21.40 -15.89 -33.05
C LYS A 196 21.65 -17.37 -32.72
N ASN A 197 22.90 -17.80 -32.66
CA ASN A 197 23.21 -19.18 -32.34
C ASN A 197 22.79 -19.53 -30.91
N ILE A 198 23.01 -18.60 -29.96
CA ILE A 198 22.61 -18.88 -28.58
C ILE A 198 21.09 -19.01 -28.48
N LYS A 199 20.37 -18.04 -29.05
CA LYS A 199 18.90 -18.03 -28.94
C LYS A 199 18.30 -19.24 -29.64
N ASP A 200 18.77 -19.52 -30.86
CA ASP A 200 18.23 -20.65 -31.61
C ASP A 200 18.43 -21.98 -30.89
N TYR A 201 19.62 -22.21 -30.32
CA TYR A 201 19.83 -23.44 -29.57
C TYR A 201 18.83 -23.56 -28.44
N CYS A 202 18.69 -22.50 -27.63
CA CYS A 202 17.74 -22.52 -26.53
C CYS A 202 16.32 -22.71 -27.03
N SER A 203 15.90 -21.94 -28.04
CA SER A 203 14.56 -22.08 -28.61
C SER A 203 14.28 -23.49 -29.08
N ASN A 204 15.14 -24.00 -29.98
CA ASN A 204 14.88 -25.29 -30.63
C ASN A 204 14.67 -26.42 -29.61
N HIS A 205 15.39 -26.37 -28.48
CA HIS A 205 15.29 -27.46 -27.51
C HIS A 205 14.07 -27.32 -26.61
N LEU A 206 13.63 -26.08 -26.35
CA LEU A 206 12.41 -25.90 -25.58
C LEU A 206 11.20 -26.25 -26.43
N GLN A 207 11.26 -26.00 -27.74
CA GLN A 207 10.14 -26.30 -28.63
C GLN A 207 9.83 -27.79 -28.68
N GLU A 208 10.83 -28.65 -28.52
CA GLU A 208 10.59 -30.08 -28.60
C GLU A 208 9.72 -30.57 -27.45
N SER A 209 9.97 -30.07 -26.23
CA SER A 209 9.19 -30.48 -25.07
C SER A 209 7.91 -29.68 -24.91
N LEU A 210 7.99 -28.36 -25.08
CA LEU A 210 6.84 -27.50 -24.86
C LEU A 210 5.91 -27.53 -26.07
N ASP A 211 4.63 -27.27 -25.81
CA ASP A 211 3.63 -27.35 -26.86
C ASP A 211 3.86 -26.26 -27.91
N SER A 212 4.31 -25.08 -27.49
CA SER A 212 4.49 -23.96 -28.39
C SER A 212 5.92 -23.45 -28.32
N GLU A 213 6.32 -22.69 -29.35
CA GLU A 213 7.63 -22.05 -29.39
C GLU A 213 7.67 -20.95 -28.34
N PRO A 214 8.39 -21.15 -27.23
CA PRO A 214 8.49 -20.10 -26.23
C PRO A 214 9.54 -19.08 -26.62
N PRO A 215 9.31 -17.80 -26.33
CA PRO A 215 10.36 -16.81 -26.52
C PRO A 215 11.46 -17.01 -25.50
N VAL A 216 12.68 -16.70 -25.92
CA VAL A 216 13.84 -16.76 -25.06
C VAL A 216 14.43 -15.36 -25.05
N PHE A 217 14.60 -14.78 -23.86
CA PHE A 217 15.14 -13.44 -23.70
C PHE A 217 16.61 -13.51 -23.31
N LEU A 218 17.47 -12.99 -24.18
CA LEU A 218 18.90 -12.90 -23.93
C LEU A 218 19.22 -11.59 -23.19
N VAL A 219 19.92 -11.68 -22.06
CA VAL A 219 20.18 -10.50 -21.22
C VAL A 219 21.59 -10.53 -20.64
N SER A 220 22.06 -9.33 -20.27
CA SER A 220 23.22 -9.18 -19.40
C SER A 220 22.76 -9.08 -17.94
N ASN A 221 23.51 -9.73 -17.04
CA ASN A 221 23.16 -9.71 -15.62
C ASN A 221 23.35 -8.33 -14.99
N VAL A 222 24.16 -7.47 -15.60
CA VAL A 222 24.59 -6.25 -14.94
C VAL A 222 24.04 -5.01 -15.60
N ASP A 223 23.42 -5.13 -16.77
CA ASP A 223 22.93 -3.97 -17.52
C ASP A 223 21.58 -4.32 -18.13
N ILE A 224 20.50 -3.91 -17.46
CA ILE A 224 19.15 -4.13 -17.97
C ILE A 224 18.78 -3.26 -19.15
N SER A 225 19.67 -2.39 -19.64
CA SER A 225 19.35 -1.69 -20.88
C SER A 225 19.62 -2.53 -22.12
N LYS A 226 20.34 -3.63 -22.01
CA LYS A 226 20.89 -4.25 -23.20
C LYS A 226 20.10 -5.49 -23.64
N TYR A 227 20.31 -5.85 -24.90
CA TYR A 227 19.87 -7.11 -25.54
C TYR A 227 18.36 -7.23 -25.43
N ASP A 228 17.82 -8.32 -24.92
CA ASP A 228 16.36 -8.47 -24.93
C ASP A 228 15.69 -7.95 -23.65
N PHE A 229 16.43 -7.37 -22.70
CA PHE A 229 15.79 -6.92 -21.47
C PHE A 229 14.67 -5.93 -21.73
N PRO A 230 14.82 -4.91 -22.59
CA PRO A 230 13.66 -4.05 -22.91
C PRO A 230 12.43 -4.80 -23.37
N LYS A 231 12.55 -5.78 -24.27
CA LYS A 231 11.35 -6.51 -24.72
C LYS A 231 10.76 -7.37 -23.62
N LEU A 232 11.61 -7.88 -22.72
CA LEU A 232 11.09 -8.63 -21.57
C LEU A 232 10.15 -7.76 -20.76
N GLU A 233 10.59 -6.54 -20.41
CA GLU A 233 9.81 -5.66 -19.54
C GLU A 233 8.45 -5.35 -20.15
N THR A 234 8.41 -5.15 -21.48
CA THR A 234 7.16 -4.89 -22.18
C THR A 234 6.22 -6.09 -22.15
N LYS A 235 6.77 -7.30 -22.33
CA LYS A 235 5.92 -8.49 -22.27
C LYS A 235 5.41 -8.74 -20.86
N LEU A 236 6.27 -8.56 -19.85
CA LEU A 236 5.83 -8.71 -18.46
C LEU A 236 4.68 -7.75 -18.16
N LEU A 237 4.84 -6.48 -18.54
CA LEU A 237 3.75 -5.52 -18.40
C LEU A 237 2.49 -6.00 -19.11
N GLN A 238 2.62 -6.41 -20.38
CA GLN A 238 1.45 -6.79 -21.16
C GLN A 238 0.72 -7.99 -20.56
N ASP A 239 1.44 -8.93 -19.94
CA ASP A 239 0.81 -10.11 -19.40
C ASP A 239 0.21 -9.89 -18.03
N LEU A 240 0.70 -8.92 -17.25
CA LEU A 240 0.20 -8.75 -15.88
C LEU A 240 -1.24 -8.29 -15.91
N PRO A 241 -2.01 -8.58 -14.86
CA PRO A 241 -3.32 -7.92 -14.69
C PRO A 241 -3.15 -6.40 -14.67
N ALA A 242 -4.15 -5.69 -15.23
CA ALA A 242 -4.04 -4.24 -15.37
C ALA A 242 -3.69 -3.54 -14.05
N HIS A 243 -4.33 -3.95 -12.96
CA HIS A 243 -4.12 -3.27 -11.68
C HIS A 243 -2.73 -3.48 -11.12
N LYS A 244 -2.01 -4.49 -11.58
CA LYS A 244 -0.64 -4.72 -11.10
C LYS A 244 0.39 -3.96 -11.91
N ARG A 245 -0.02 -3.31 -13.01
CA ARG A 245 0.99 -2.69 -13.88
C ARG A 245 1.66 -1.49 -13.22
N HIS A 246 0.93 -0.78 -12.35
CA HIS A 246 1.50 0.41 -11.73
C HIS A 246 2.68 0.05 -10.83
N VAL A 247 2.48 -0.85 -9.85
CA VAL A 247 3.57 -1.20 -8.96
C VAL A 247 4.73 -1.82 -9.74
N PHE A 248 4.43 -2.58 -10.78
CA PHE A 248 5.52 -3.12 -11.61
C PHE A 248 6.26 -2.01 -12.36
N SER A 249 5.51 -1.04 -12.90
CA SER A 249 6.17 0.11 -13.55
C SER A 249 7.09 0.82 -12.58
N LEU A 250 6.61 1.04 -11.35
CA LEU A 250 7.43 1.74 -10.35
C LEU A 250 8.65 0.92 -9.99
N SER A 251 8.53 -0.42 -10.02
CA SER A 251 9.68 -1.21 -9.59
C SER A 251 10.83 -1.20 -10.62
N LEU A 252 10.55 -0.82 -11.87
CA LEU A 252 11.60 -0.74 -12.90
C LEU A 252 12.64 0.32 -12.53
N GLN A 253 13.86 0.08 -12.98
CA GLN A 253 14.94 1.05 -12.82
C GLN A 253 14.96 2.09 -13.96
N SER A 254 14.97 3.38 -13.61
CA SER A 254 14.87 4.45 -14.64
C SER A 254 16.19 4.60 -15.42
N LEU A 255 16.56 3.53 -16.13
CA LEU A 255 17.78 3.53 -16.94
C LEU A 255 17.55 3.43 -18.43
N THR A 256 16.30 3.47 -18.90
CA THR A 256 16.08 3.64 -20.34
C THR A 256 14.93 4.62 -20.53
N GLU A 257 14.90 5.23 -21.71
CA GLU A 257 13.77 6.11 -22.04
C GLU A 257 12.45 5.36 -21.99
N ALA A 258 12.40 4.12 -22.49
CA ALA A 258 11.19 3.33 -22.43
C ALA A 258 10.74 3.09 -20.99
N THR A 259 11.66 2.70 -20.12
CA THR A 259 11.32 2.47 -18.71
C THR A 259 10.82 3.75 -18.04
N ILE A 260 11.52 4.87 -18.26
CA ILE A 260 11.07 6.16 -17.73
C ILE A 260 9.66 6.48 -18.22
N ASN A 261 9.39 6.23 -19.50
CA ASN A 261 8.08 6.54 -20.05
C ASN A 261 6.99 5.58 -19.56
N TYR A 262 7.34 4.34 -19.27
CA TYR A 262 6.38 3.46 -18.58
C TYR A 262 5.97 4.04 -17.24
N LYS A 263 6.92 4.55 -16.46
CA LYS A 263 6.56 5.15 -15.18
C LYS A 263 5.73 6.41 -15.38
N ARG A 264 6.18 7.29 -16.28
CA ARG A 264 5.43 8.51 -16.59
C ARG A 264 3.97 8.19 -16.88
N ASP A 265 3.73 7.24 -17.80
CA ASP A 265 2.36 7.00 -18.25
C ASP A 265 1.51 6.37 -17.15
N SER A 266 2.12 5.49 -16.34
CA SER A 266 1.39 4.88 -15.24
C SER A 266 0.97 5.92 -14.22
N LEU A 267 1.86 6.83 -13.87
CA LEU A 267 1.53 7.86 -12.87
C LEU A 267 0.52 8.85 -13.43
N LYS A 268 0.57 9.15 -14.73
CA LYS A 268 -0.41 10.07 -15.33
C LYS A 268 -1.81 9.49 -15.29
N GLN A 269 -1.97 8.20 -15.57
CA GLN A 269 -3.27 7.54 -15.40
C GLN A 269 -3.73 7.57 -13.96
N LYS A 270 -2.83 7.27 -13.02
CA LYS A 270 -3.23 7.24 -11.62
C LYS A 270 -3.70 8.61 -11.14
N VAL A 271 -2.99 9.70 -11.52
CA VAL A 271 -3.45 11.00 -11.02
C VAL A 271 -4.75 11.38 -11.69
N PHE A 272 -5.00 10.92 -12.93
CA PHE A 272 -6.29 11.17 -13.56
C PHE A 272 -7.41 10.53 -12.76
N LEU A 273 -7.22 9.27 -12.33
CA LEU A 273 -8.27 8.62 -11.53
C LEU A 273 -8.42 9.29 -10.17
N GLU A 274 -7.29 9.64 -9.54
CA GLU A 274 -7.33 10.31 -8.24
C GLU A 274 -8.11 11.62 -8.33
N ALA A 275 -7.99 12.31 -9.46
CA ALA A 275 -8.71 13.56 -9.64
C ALA A 275 -10.21 13.32 -9.62
N MET A 276 -10.67 12.28 -10.31
CA MET A 276 -12.09 11.96 -10.32
C MET A 276 -12.56 11.52 -8.95
N LYS A 277 -11.76 10.68 -8.29
CA LYS A 277 -12.07 10.27 -6.92
C LYS A 277 -12.29 11.49 -6.03
N ALA A 278 -11.31 12.39 -5.99
CA ALA A 278 -11.36 13.54 -5.10
C ALA A 278 -12.35 14.61 -5.57
N GLY A 279 -12.54 14.81 -6.88
CA GLY A 279 -13.20 16.01 -7.32
C GLY A 279 -14.34 15.89 -8.32
N ALA A 280 -14.79 14.68 -8.65
CA ALA A 280 -15.93 14.62 -9.57
C ALA A 280 -17.21 15.16 -8.91
N LEU A 281 -17.34 15.03 -7.58
CA LEU A 281 -18.60 15.26 -6.88
C LEU A 281 -18.56 16.30 -5.76
N ALA A 282 -17.42 16.92 -5.47
CA ALA A 282 -17.43 17.89 -4.39
C ALA A 282 -17.89 19.22 -4.97
N THR A 283 -18.50 20.04 -4.11
CA THR A 283 -19.23 21.14 -4.74
C THR A 283 -19.11 22.47 -4.01
N ILE A 284 -18.91 22.52 -2.70
CA ILE A 284 -18.61 23.79 -2.07
C ILE A 284 -17.14 24.06 -2.38
N PRO A 285 -16.80 25.20 -3.00
CA PRO A 285 -15.41 25.39 -3.44
C PRO A 285 -14.47 25.43 -2.26
N LEU A 286 -13.26 24.91 -2.49
CA LEU A 286 -12.23 24.87 -1.45
C LEU A 286 -11.43 26.16 -1.38
N GLY A 287 -11.38 26.93 -2.46
CA GLY A 287 -10.66 28.19 -2.36
C GLY A 287 -9.15 27.99 -2.34
N GLY A 288 -8.46 29.04 -1.90
CA GLY A 288 -7.01 29.03 -1.90
C GLY A 288 -6.44 29.57 -3.20
N MET A 289 -5.12 29.59 -3.26
CA MET A 289 -4.41 30.05 -4.44
C MET A 289 -3.62 28.89 -5.02
N ILE A 290 -3.16 29.06 -6.27
CA ILE A 290 -2.31 28.04 -6.88
C ILE A 290 -1.12 27.77 -5.97
N SER A 291 -0.56 28.83 -5.36
CA SER A 291 0.55 28.68 -4.43
C SER A 291 0.18 27.81 -3.24
N ASP A 292 -1.08 27.84 -2.81
CA ASP A 292 -1.51 26.93 -1.74
C ASP A 292 -1.55 25.47 -2.21
N ILE A 293 -2.10 25.21 -3.40
CA ILE A 293 -2.12 23.83 -3.93
C ILE A 293 -0.71 23.28 -4.07
N LEU A 294 0.20 24.09 -4.61
CA LEU A 294 1.58 23.65 -4.76
C LEU A 294 2.21 23.33 -3.41
N GLU A 295 1.99 24.18 -2.40
CA GLU A 295 2.50 23.82 -1.08
C GLU A 295 1.94 22.49 -0.62
N ASN A 296 0.64 22.26 -0.80
CA ASN A 296 0.04 20.99 -0.41
C ASN A 296 0.64 19.80 -1.17
N LEU A 297 1.07 20.02 -2.41
CA LEU A 297 1.63 18.96 -3.26
C LEU A 297 3.11 18.72 -3.03
N ASP A 298 3.75 19.45 -2.11
CA ASP A 298 5.19 19.38 -2.03
C ASP A 298 5.68 17.97 -1.74
N GLU A 299 5.04 17.24 -0.81
CA GLU A 299 5.52 15.87 -0.56
C GLU A 299 5.20 14.94 -1.73
N THR A 300 4.06 15.12 -2.38
CA THR A 300 3.78 14.33 -3.58
C THR A 300 4.87 14.56 -4.62
N PHE A 301 5.23 15.83 -4.86
CA PHE A 301 6.29 16.15 -5.83
C PHE A 301 7.60 15.47 -5.48
N ASN A 302 7.91 15.41 -4.18
CA ASN A 302 9.15 14.74 -3.75
C ASN A 302 9.06 13.24 -3.93
N LEU A 303 7.89 12.65 -3.68
CA LEU A 303 7.72 11.24 -4.01
C LEU A 303 7.95 11.00 -5.51
N TYR A 304 7.42 11.89 -6.37
CA TYR A 304 7.64 11.75 -7.81
C TYR A 304 9.12 11.87 -8.15
N ARG A 305 9.82 12.84 -7.55
CA ARG A 305 11.24 12.93 -7.77
C ARG A 305 11.92 11.62 -7.43
N SER A 306 11.51 10.99 -6.33
CA SER A 306 12.15 9.74 -5.96
C SER A 306 11.87 8.64 -6.97
N TYR A 307 10.63 8.56 -7.48
CA TYR A 307 10.32 7.58 -8.52
C TYR A 307 11.25 7.71 -9.73
N PHE A 308 11.63 8.94 -10.08
CA PHE A 308 12.38 9.16 -11.30
C PHE A 308 13.87 9.30 -11.06
N GLY A 309 14.34 9.17 -9.83
CA GLY A 309 15.75 9.31 -9.56
C GLY A 309 16.18 10.76 -9.56
N LEU A 310 15.30 11.68 -9.20
CA LEU A 310 15.57 13.09 -9.22
C LEU A 310 15.77 13.69 -7.83
N ASP A 311 15.77 12.85 -6.80
CA ASP A 311 16.02 13.34 -5.45
C ASP A 311 17.48 13.74 -5.33
N ASP A 312 17.75 14.62 -4.36
CA ASP A 312 19.08 15.22 -4.22
C ASP A 312 20.17 14.17 -4.08
N ALA A 313 19.89 13.09 -3.35
CA ALA A 313 20.90 12.05 -3.16
C ALA A 313 21.30 11.40 -4.49
N SER A 314 20.32 11.09 -5.33
CA SER A 314 20.63 10.52 -6.65
C SER A 314 21.31 11.54 -7.57
N LEU A 315 21.03 12.84 -7.41
CA LEU A 315 21.60 13.83 -8.32
C LEU A 315 23.06 14.16 -8.01
N GLU A 316 23.58 13.70 -6.86
CA GLU A 316 24.96 13.98 -6.49
C GLU A 316 25.96 13.32 -7.43
N ASN A 317 25.82 12.02 -7.66
CA ASN A 317 26.78 11.31 -8.51
C ASN A 317 26.82 11.91 -9.90
N ILE A 318 25.65 12.25 -10.45
CA ILE A 318 25.58 12.77 -11.81
C ILE A 318 26.23 14.14 -11.90
N ALA A 319 26.00 14.99 -10.88
CA ALA A 319 26.62 16.31 -10.87
C ALA A 319 28.14 16.22 -10.78
N GLN A 320 28.67 15.16 -10.14
CA GLN A 320 30.11 15.01 -10.04
C GLN A 320 30.73 14.66 -11.40
N ASP A 321 30.13 13.71 -12.12
CA ASP A 321 30.62 13.36 -13.45
C ASP A 321 30.66 14.57 -14.37
N LEU A 322 29.87 15.60 -14.08
CA LEU A 322 29.90 16.87 -14.81
C LEU A 322 30.69 17.95 -14.09
N ASN A 323 31.41 17.60 -13.02
CA ASN A 323 32.21 18.55 -12.23
C ASN A 323 31.36 19.75 -11.82
N MET A 324 30.13 19.47 -11.43
CA MET A 324 29.15 20.44 -10.99
C MET A 324 28.69 20.10 -9.59
N SER A 325 28.15 21.10 -8.91
CA SER A 325 27.41 20.86 -7.68
C SER A 325 25.95 20.54 -8.03
N VAL A 326 25.26 19.89 -7.09
CA VAL A 326 23.85 19.59 -7.31
C VAL A 326 23.09 20.85 -7.63
N ASP A 327 23.40 21.94 -6.93
CA ASP A 327 22.73 23.22 -7.18
C ASP A 327 22.98 23.71 -8.61
N ASP A 328 24.23 23.61 -9.07
CA ASP A 328 24.52 23.97 -10.46
C ASP A 328 23.75 23.10 -11.43
N PHE A 329 23.88 21.79 -11.26
CA PHE A 329 23.24 20.85 -12.16
C PHE A 329 21.73 21.09 -12.25
N LYS A 330 21.11 21.46 -11.12
CA LYS A 330 19.68 21.66 -11.12
C LYS A 330 19.24 22.92 -11.88
N VAL A 331 20.17 23.84 -12.16
CA VAL A 331 19.83 24.95 -13.06
C VAL A 331 19.40 24.41 -14.42
N HIS A 332 20.05 23.35 -14.88
CA HIS A 332 19.85 22.80 -16.20
C HIS A 332 18.81 21.69 -16.22
N LEU A 333 18.11 21.47 -15.11
CA LEU A 333 16.93 20.61 -15.07
C LEU A 333 15.68 21.48 -14.97
N ARG A 334 14.58 20.98 -15.51
CA ARG A 334 13.39 21.83 -15.56
C ARG A 334 12.50 21.76 -14.31
N PHE A 335 12.42 20.62 -13.61
CA PHE A 335 11.44 20.52 -12.52
C PHE A 335 11.63 21.56 -11.41
N PRO A 336 12.84 21.99 -11.04
CA PRO A 336 12.91 22.95 -9.91
C PRO A 336 12.25 24.27 -10.20
N HIS A 337 12.20 24.69 -11.47
CA HIS A 337 11.81 26.04 -11.84
C HIS A 337 10.43 26.11 -12.48
N LEU A 338 9.74 24.96 -12.58
CA LEU A 338 8.45 24.86 -13.28
C LEU A 338 7.46 25.94 -12.88
N PHE A 339 7.50 26.35 -11.63
CA PHE A 339 6.56 27.33 -11.10
C PHE A 339 7.38 28.55 -10.65
N ALA A 340 7.21 29.68 -11.36
CA ALA A 340 7.93 30.92 -11.09
C ALA A 340 7.19 32.06 -11.78
N GLU A 341 7.22 33.24 -11.15
CA GLU A 341 6.41 34.40 -11.57
C GLU A 341 4.93 34.12 -11.31
N GLU A 345 4.46 37.72 -17.07
CA GLU A 345 3.84 36.42 -17.36
C GLU A 345 3.61 35.63 -16.07
N SER A 346 2.36 35.53 -15.63
CA SER A 346 2.12 34.89 -14.34
C SER A 346 1.97 33.38 -14.50
N LEU A 347 2.05 32.67 -13.38
CA LEU A 347 1.89 31.23 -13.40
C LEU A 347 0.49 30.84 -13.84
N GLU A 348 -0.52 31.53 -13.32
CA GLU A 348 -1.90 31.16 -13.55
C GLU A 348 -2.33 31.43 -15.00
N ASP A 349 -1.68 32.35 -15.68
CA ASP A 349 -1.98 32.49 -17.10
C ASP A 349 -1.36 31.34 -17.89
N LYS A 350 -0.12 30.96 -17.57
CA LYS A 350 0.49 29.79 -18.19
C LYS A 350 -0.38 28.54 -18.00
N LEU A 351 -0.98 28.41 -16.82
CA LEU A 351 -1.79 27.23 -16.51
C LEU A 351 -3.10 27.26 -17.26
N PHE A 352 -3.71 28.45 -17.38
CA PHE A 352 -4.94 28.57 -18.17
C PHE A 352 -4.72 28.04 -19.58
N LYS A 353 -3.61 28.45 -20.21
CA LYS A 353 -3.34 28.06 -21.60
C LYS A 353 -3.04 26.56 -21.71
N TYR A 354 -2.25 26.03 -20.78
CA TYR A 354 -2.03 24.59 -20.66
C TYR A 354 -3.35 23.84 -20.61
N ILE A 355 -4.24 24.24 -19.69
CA ILE A 355 -5.50 23.53 -19.55
C ILE A 355 -6.32 23.62 -20.84
N LYS A 356 -6.31 24.79 -21.48
CA LYS A 356 -7.02 24.96 -22.73
C LYS A 356 -6.48 24.01 -23.80
N HIS A 357 -5.15 23.90 -23.92
CA HIS A 357 -4.56 22.95 -24.87
C HIS A 357 -5.01 21.52 -24.61
N ILE A 358 -4.81 21.03 -23.38
CA ILE A 358 -5.07 19.62 -23.09
C ILE A 358 -6.54 19.30 -23.26
N SER A 359 -7.41 20.12 -22.67
CA SER A 359 -8.83 19.81 -22.64
C SER A 359 -9.49 20.01 -23.99
N SER A 360 -8.87 20.77 -24.90
CA SER A 360 -9.34 20.78 -26.28
C SER A 360 -9.03 19.47 -27.00
N VAL A 361 -8.09 18.68 -26.47
CA VAL A 361 -7.62 17.46 -27.14
C VAL A 361 -8.24 16.21 -26.53
N THR A 362 -8.13 16.02 -25.21
CA THR A 362 -8.65 14.82 -24.57
C THR A 362 -9.72 15.10 -23.51
N GLY A 363 -10.21 16.34 -23.42
CA GLY A 363 -11.37 16.69 -22.60
C GLY A 363 -11.07 17.06 -21.16
N GLY A 364 -9.95 16.56 -20.60
CA GLY A 364 -9.59 16.87 -19.24
C GLY A 364 -10.11 15.83 -18.24
N PRO A 365 -9.81 16.04 -16.96
CA PRO A 365 -10.31 15.13 -15.92
C PRO A 365 -11.77 15.39 -15.60
N VAL A 366 -12.43 14.35 -15.09
CA VAL A 366 -13.78 14.55 -14.59
C VAL A 366 -13.66 15.10 -13.17
N ALA A 367 -13.69 16.44 -13.04
CA ALA A 367 -13.42 17.10 -11.76
C ALA A 367 -14.20 18.41 -11.70
N ALA A 368 -15.34 18.40 -11.00
CA ALA A 368 -16.13 19.62 -10.86
C ALA A 368 -15.45 20.63 -9.95
N VAL A 369 -14.59 20.19 -9.04
CA VAL A 369 -14.00 21.03 -8.02
C VAL A 369 -12.71 21.65 -8.55
N THR A 370 -12.65 22.98 -8.58
CA THR A 370 -11.49 23.67 -9.12
C THR A 370 -10.21 23.29 -8.39
N TYR A 371 -10.26 23.20 -7.06
CA TYR A 371 -9.06 22.79 -6.33
C TYR A 371 -8.45 21.52 -6.93
N TYR A 372 -9.29 20.51 -7.15
CA TYR A 372 -8.79 19.22 -7.63
C TYR A 372 -8.51 19.21 -9.13
N ARG A 373 -9.26 19.99 -9.91
CA ARG A 373 -8.91 20.21 -11.32
C ARG A 373 -7.48 20.72 -11.45
N MET A 374 -7.14 21.71 -10.64
CA MET A 374 -5.82 22.34 -10.75
C MET A 374 -4.75 21.46 -10.14
N ALA A 375 -5.03 20.81 -9.01
CA ALA A 375 -4.09 19.80 -8.50
C ALA A 375 -3.76 18.76 -9.57
N TYR A 376 -4.75 18.39 -10.39
CA TYR A 376 -4.52 17.37 -11.40
C TYR A 376 -3.54 17.88 -12.44
N TYR A 377 -3.83 19.06 -13.01
CA TYR A 377 -2.96 19.62 -14.05
C TYR A 377 -1.57 19.91 -13.52
N LEU A 378 -1.46 20.39 -12.28
CA LEU A 378 -0.13 20.65 -11.72
C LEU A 378 0.67 19.37 -11.59
N GLN A 379 0.00 18.28 -11.20
CA GLN A 379 0.68 16.99 -11.10
C GLN A 379 1.01 16.44 -12.48
N ASN A 380 0.09 16.56 -13.43
CA ASN A 380 0.36 16.06 -14.77
C ASN A 380 1.60 16.74 -15.36
N LEU A 381 1.65 18.07 -15.23
CA LEU A 381 2.78 18.84 -15.72
C LEU A 381 4.08 18.42 -15.04
N PHE A 382 4.05 18.31 -13.70
CA PHE A 382 5.24 17.88 -12.99
C PHE A 382 5.70 16.51 -13.47
N LEU A 383 4.75 15.60 -13.72
CA LEU A 383 5.15 14.25 -14.14
C LEU A 383 5.84 14.27 -15.51
N ASP A 384 5.27 15.00 -16.47
CA ASP A 384 5.89 15.10 -17.79
C ASP A 384 7.28 15.73 -17.72
N THR A 385 7.43 16.77 -16.89
CA THR A 385 8.72 17.43 -16.71
C THR A 385 9.74 16.50 -16.06
N ALA A 386 9.33 15.84 -14.97
CA ALA A 386 10.24 14.95 -14.24
C ALA A 386 10.74 13.84 -15.14
N ALA A 387 9.88 13.36 -16.03
CA ALA A 387 10.26 12.27 -16.92
C ALA A 387 11.24 12.75 -18.00
N ASN A 388 10.98 13.93 -18.57
CA ASN A 388 11.94 14.53 -19.50
C ASN A 388 13.29 14.81 -18.83
N ASP A 389 13.27 15.34 -17.60
CA ASP A 389 14.53 15.49 -16.85
C ASP A 389 15.24 14.15 -16.64
N ALA A 390 14.49 13.11 -16.24
CA ALA A 390 15.12 11.80 -16.04
C ALA A 390 15.72 11.27 -17.33
N ILE A 391 15.05 11.49 -18.46
CA ILE A 391 15.57 11.05 -19.75
C ILE A 391 16.89 11.75 -20.04
N ALA A 392 16.95 13.06 -19.75
CA ALA A 392 18.19 13.82 -19.92
C ALA A 392 19.30 13.27 -19.04
N LEU A 393 18.96 12.77 -17.85
CA LEU A 393 19.98 12.23 -16.94
C LEU A 393 20.70 11.02 -17.53
N LEU A 394 20.09 10.34 -18.50
CA LEU A 394 20.72 9.16 -19.09
C LEU A 394 21.99 9.53 -19.86
N ASN A 395 22.07 10.74 -20.41
CA ASN A 395 23.15 11.19 -21.28
C ASN A 395 23.57 12.59 -20.89
N SER A 396 23.80 12.75 -19.57
CA SER A 396 23.94 14.06 -18.95
C SER A 396 25.13 14.85 -19.50
N LYS A 397 26.31 14.23 -19.49
CA LYS A 397 27.53 14.93 -19.89
C LYS A 397 27.47 15.35 -21.35
N ALA A 398 27.15 14.40 -22.24
CA ALA A 398 27.15 14.70 -23.67
C ALA A 398 26.13 15.78 -24.01
N LEU A 399 24.96 15.73 -23.39
CA LEU A 399 23.93 16.73 -23.67
C LEU A 399 24.41 18.12 -23.29
N PHE A 400 25.05 18.24 -22.13
CA PHE A 400 25.54 19.54 -21.70
C PHE A 400 26.69 20.00 -22.61
N GLU A 401 27.62 19.10 -22.91
CA GLU A 401 28.78 19.46 -23.73
C GLU A 401 28.35 19.88 -25.14
N LYS A 402 27.37 19.19 -25.71
CA LYS A 402 26.84 19.59 -27.00
C LYS A 402 26.10 20.92 -26.90
N LYS A 403 25.46 21.15 -25.76
CA LYS A 403 24.65 22.35 -25.60
C LYS A 403 25.51 23.60 -25.63
N VAL A 404 26.60 23.60 -24.87
CA VAL A 404 27.43 24.79 -24.76
C VAL A 404 28.38 24.92 -25.95
N GLY A 405 28.81 23.79 -26.52
CA GLY A 405 29.64 23.77 -27.71
C GLY A 405 28.94 24.36 -28.93
N PRO A 406 29.67 24.54 -30.04
CA PRO A 406 29.14 25.39 -31.12
C PRO A 406 28.08 24.73 -32.01
N TYR A 407 28.18 23.42 -32.24
CA TYR A 407 27.38 22.79 -33.29
C TYR A 407 25.89 22.79 -32.94
N ILE A 408 25.07 23.18 -33.92
CA ILE A 408 23.61 23.23 -33.78
C ILE A 408 22.92 21.99 -34.34
N SER A 409 23.64 21.13 -35.05
CA SER A 409 23.05 20.00 -35.73
C SER A 409 23.72 18.72 -35.24
N GLU A 410 23.16 17.58 -35.68
CA GLU A 410 23.67 16.27 -35.27
C GLU A 410 24.86 15.86 -36.12
N PRO A 411 25.77 15.06 -35.58
CA PRO A 411 26.99 14.68 -36.32
C PRO A 411 26.70 13.62 -37.37
N PRO A 412 27.51 13.57 -38.43
CA PRO A 412 27.40 12.49 -39.40
C PRO A 412 27.70 11.14 -38.77
N GLU A 413 27.17 10.07 -39.40
CA GLU A 413 26.94 8.78 -38.76
C GLU A 413 28.14 8.25 -37.97
N TYR A 414 29.26 7.98 -38.65
CA TYR A 414 30.35 7.25 -38.02
C TYR A 414 31.62 8.09 -37.90
N TRP A 415 31.46 9.40 -37.72
CA TRP A 415 32.57 10.33 -37.73
C TRP A 415 32.70 10.96 -36.36
N GLU A 416 32.04 12.10 -36.09
CA GLU A 416 31.88 12.66 -34.74
C GLU A 416 33.22 13.09 -34.13
N GLY B 1 -28.87 27.03 13.64
CA GLY B 1 -28.11 28.21 14.06
C GLY B 1 -26.61 27.97 14.02
N PRO B 2 -25.85 28.96 13.53
CA PRO B 2 -24.39 28.81 13.48
C PRO B 2 -23.80 28.31 14.79
N MET B 3 -24.30 28.80 15.93
CA MET B 3 -23.72 28.43 17.21
C MET B 3 -24.26 27.11 17.73
N ALA B 4 -25.54 26.79 17.50
CA ALA B 4 -26.04 25.47 17.86
C ALA B 4 -25.48 24.38 16.93
N TRP B 5 -25.11 24.74 15.71
CA TRP B 5 -24.49 23.76 14.84
C TRP B 5 -23.05 23.49 15.27
N ALA B 6 -22.29 24.53 15.59
CA ALA B 6 -20.93 24.31 16.11
C ALA B 6 -20.96 23.49 17.40
N SER B 7 -22.07 23.51 18.13
CA SER B 7 -22.16 22.80 19.39
C SER B 7 -22.53 21.34 19.21
N SER B 8 -23.38 21.03 18.22
CA SER B 8 -23.64 19.62 17.90
C SER B 8 -22.38 18.93 17.39
N PHE B 9 -21.47 19.69 16.78
CA PHE B 9 -20.22 19.12 16.29
C PHE B 9 -19.31 18.75 17.46
N ASP B 10 -19.18 19.66 18.42
CA ASP B 10 -18.45 19.39 19.66
C ASP B 10 -19.02 18.18 20.37
N ALA B 11 -20.34 18.18 20.61
CA ALA B 11 -20.97 17.09 21.34
C ALA B 11 -20.79 15.74 20.64
N PHE B 12 -20.82 15.73 19.30
CA PHE B 12 -20.61 14.46 18.60
C PHE B 12 -19.28 13.83 19.00
N PHE B 13 -18.19 14.59 18.93
CA PHE B 13 -16.88 14.00 19.25
C PHE B 13 -16.67 13.74 20.73
N LYS B 14 -17.49 14.34 21.61
CA LYS B 14 -17.41 13.99 23.02
C LYS B 14 -17.96 12.60 23.31
N ASN B 15 -18.67 11.97 22.37
CA ASN B 15 -19.14 10.58 22.58
C ASN B 15 -18.03 9.56 22.47
N PHE B 16 -16.82 9.92 22.04
CA PHE B 16 -15.80 8.91 21.73
C PHE B 16 -14.66 8.95 22.74
N LYS B 17 -14.08 7.78 22.99
CA LYS B 17 -12.87 7.69 23.80
C LYS B 17 -11.81 8.65 23.29
N ARG B 18 -11.12 9.28 24.24
CA ARG B 18 -10.17 10.33 23.89
C ARG B 18 -9.07 9.80 22.98
N GLU B 19 -8.65 8.54 23.18
CA GLU B 19 -7.61 7.96 22.36
C GLU B 19 -8.10 7.51 20.98
N SER B 20 -9.38 7.61 20.68
CA SER B 20 -9.90 7.21 19.37
C SER B 20 -10.27 8.37 18.45
N LYS B 21 -10.28 9.62 18.94
CA LYS B 21 -10.63 10.78 18.12
C LYS B 21 -9.64 10.96 16.97
N ILE B 22 -10.16 10.98 15.72
CA ILE B 22 -9.29 11.06 14.54
C ILE B 22 -8.94 12.49 14.14
N ILE B 23 -9.53 13.49 14.78
CA ILE B 23 -9.18 14.91 14.62
C ILE B 23 -8.76 15.47 15.96
N SER B 24 -7.84 16.44 15.92
CA SER B 24 -7.29 17.03 17.12
C SER B 24 -8.25 18.07 17.69
N GLU B 25 -8.05 18.39 18.98
CA GLU B 25 -8.83 19.47 19.58
C GLU B 25 -8.52 20.81 18.94
N TYR B 26 -7.34 20.97 18.36
CA TYR B 26 -7.08 22.16 17.55
C TYR B 26 -7.93 22.16 16.28
N ASP B 27 -7.94 21.03 15.56
CA ASP B 27 -8.87 20.86 14.44
C ASP B 27 -10.29 21.20 14.86
N ILE B 28 -10.74 20.61 15.98
CA ILE B 28 -12.13 20.74 16.40
C ILE B 28 -12.50 22.19 16.66
N THR B 29 -11.60 22.95 17.28
CA THR B 29 -11.94 24.33 17.62
C THR B 29 -11.79 25.24 16.43
N LEU B 30 -10.86 24.95 15.53
CA LEU B 30 -10.83 25.66 14.24
C LEU B 30 -12.17 25.51 13.52
N ILE B 31 -12.62 24.26 13.33
CA ILE B 31 -13.89 24.03 12.63
C ILE B 31 -15.04 24.73 13.36
N MET B 32 -15.14 24.50 14.67
CA MET B 32 -16.23 25.07 15.47
C MET B 32 -16.27 26.59 15.35
N THR B 33 -15.09 27.22 15.23
CA THR B 33 -15.02 28.69 15.18
C THR B 33 -15.46 29.19 13.81
N TYR B 34 -15.03 28.51 12.75
CA TYR B 34 -15.50 28.85 11.42
C TYR B 34 -17.01 28.66 11.30
N ILE B 35 -17.55 27.60 11.92
CA ILE B 35 -19.00 27.41 11.92
C ILE B 35 -19.68 28.57 12.64
N GLU B 36 -19.20 28.90 13.85
CA GLU B 36 -19.81 29.94 14.66
C GLU B 36 -19.83 31.28 13.94
N GLU B 37 -18.75 31.62 13.25
CA GLU B 37 -18.64 32.83 12.44
C GLU B 37 -19.49 32.80 11.18
N ASN B 38 -20.27 31.74 10.96
CA ASN B 38 -20.98 31.54 9.71
C ASN B 38 -20.03 31.70 8.52
N LYS B 39 -18.96 30.90 8.54
CA LYS B 39 -17.97 30.87 7.47
C LYS B 39 -17.80 29.42 7.01
N LEU B 40 -18.91 28.85 6.55
CA LEU B 40 -18.97 27.41 6.30
C LEU B 40 -18.04 26.99 5.18
N GLN B 41 -17.75 27.87 4.24
CA GLN B 41 -16.75 27.54 3.23
C GLN B 41 -15.42 27.22 3.87
N LYS B 42 -14.97 28.10 4.78
CA LYS B 42 -13.73 27.84 5.51
C LYS B 42 -13.85 26.57 6.35
N ALA B 43 -14.98 26.39 7.03
CA ALA B 43 -15.19 25.21 7.84
C ALA B 43 -14.99 23.93 7.03
N VAL B 44 -15.63 23.85 5.87
CA VAL B 44 -15.53 22.66 5.01
C VAL B 44 -14.13 22.49 4.45
N SER B 45 -13.45 23.59 4.14
CA SER B 45 -12.08 23.49 3.64
C SER B 45 -11.14 22.86 4.67
N VAL B 46 -11.38 23.09 5.96
CA VAL B 46 -10.55 22.45 6.98
C VAL B 46 -10.85 20.95 7.05
N ILE B 47 -12.13 20.58 7.12
CA ILE B 47 -12.56 19.19 7.09
C ILE B 47 -11.90 18.45 5.93
N GLU B 48 -11.94 19.04 4.74
CA GLU B 48 -11.32 18.42 3.57
C GLU B 48 -9.83 18.23 3.76
N LYS B 49 -9.16 19.22 4.33
CA LYS B 49 -7.74 19.04 4.59
C LYS B 49 -7.52 17.92 5.63
N VAL B 50 -8.38 17.88 6.64
CA VAL B 50 -8.25 16.84 7.66
C VAL B 50 -8.46 15.46 7.05
N LEU B 51 -9.54 15.31 6.27
CA LEU B 51 -9.85 14.00 5.71
C LEU B 51 -8.74 13.54 4.77
N ARG B 52 -8.16 14.46 4.00
CA ARG B 52 -7.07 14.10 3.08
C ARG B 52 -5.86 13.59 3.84
N ASP B 53 -5.49 14.28 4.91
CA ASP B 53 -4.37 13.81 5.73
C ASP B 53 -4.68 12.48 6.41
N ILE B 54 -5.92 12.30 6.91
CA ILE B 54 -6.28 11.01 7.50
C ILE B 54 -6.11 9.89 6.48
N GLU B 55 -6.63 10.09 5.27
CA GLU B 55 -6.65 9.02 4.28
C GLU B 55 -5.27 8.71 3.72
N SER B 56 -4.34 9.66 3.74
CA SER B 56 -3.01 9.43 3.20
C SER B 56 -1.94 9.21 4.26
N ALA B 57 -2.29 9.27 5.54
CA ALA B 57 -1.34 9.10 6.64
C ALA B 57 -0.55 7.80 6.51
N PRO B 58 0.78 7.87 6.43
CA PRO B 58 1.58 6.64 6.53
C PRO B 58 1.79 6.25 7.98
N LEU B 59 2.02 4.96 8.21
CA LEU B 59 2.31 4.48 9.56
C LEU B 59 3.56 3.61 9.50
N HIS B 60 4.63 4.08 10.12
CA HIS B 60 5.93 3.41 10.07
C HIS B 60 6.32 2.97 11.48
N ILE B 61 6.43 1.66 11.67
CA ILE B 61 6.63 1.09 13.00
C ILE B 61 7.90 0.25 13.01
N ALA B 62 8.81 0.57 13.91
CA ALA B 62 10.08 -0.13 14.04
C ALA B 62 10.06 -1.01 15.28
N VAL B 63 10.39 -2.28 15.08
CA VAL B 63 10.48 -3.28 16.14
C VAL B 63 11.96 -3.67 16.29
N THR B 64 12.56 -3.30 17.42
CA THR B 64 13.97 -3.57 17.69
C THR B 64 14.16 -4.79 18.59
N GLY B 65 15.13 -5.62 18.23
CA GLY B 65 15.53 -6.76 19.04
C GLY B 65 16.06 -7.88 18.17
N GLU B 66 15.88 -9.11 18.66
CA GLU B 66 16.25 -10.35 17.96
C GLU B 66 15.38 -11.52 18.42
N ALA B 69 13.74 -12.43 21.04
CA ALA B 69 13.18 -13.50 20.24
C ALA B 69 11.70 -13.23 19.98
N GLY B 70 11.11 -14.02 19.09
CA GLY B 70 9.69 -13.90 18.77
C GLY B 70 9.35 -12.65 17.99
N LYS B 71 10.37 -11.83 17.68
CA LYS B 71 10.15 -10.55 17.03
C LYS B 71 9.42 -10.72 15.71
N SER B 72 9.79 -11.72 14.92
CA SER B 72 9.13 -11.95 13.64
C SER B 72 7.65 -12.25 13.84
N THR B 73 7.33 -13.14 14.78
CA THR B 73 5.94 -13.48 15.02
C THR B 73 5.15 -12.28 15.52
N PHE B 74 5.81 -11.34 16.20
CA PHE B 74 5.12 -10.14 16.65
C PHE B 74 4.86 -9.19 15.48
N ILE B 75 5.85 -9.04 14.60
CA ILE B 75 5.68 -8.20 13.41
C ILE B 75 4.53 -8.74 12.56
N ASN B 76 4.46 -10.06 12.42
CA ASN B 76 3.37 -10.64 11.63
C ASN B 76 2.04 -10.54 12.36
N THR B 77 2.02 -10.80 13.68
CA THR B 77 0.78 -10.70 14.42
C THR B 77 0.23 -9.28 14.38
N LEU B 78 1.10 -8.28 14.42
CA LEU B 78 0.66 -6.90 14.24
C LEU B 78 -0.16 -6.72 12.96
N ARG B 79 0.46 -6.99 11.81
CA ARG B 79 -0.19 -6.77 10.52
C ARG B 79 -1.20 -7.87 10.16
N GLY B 80 -1.34 -8.90 10.98
CA GLY B 80 -2.43 -9.84 10.81
C GLY B 80 -2.16 -10.99 9.86
N VAL B 81 -0.91 -11.41 9.73
CA VAL B 81 -0.55 -12.50 8.83
C VAL B 81 0.05 -13.65 9.63
N GLY B 82 -0.20 -14.87 9.15
CA GLY B 82 0.37 -16.06 9.73
C GLY B 82 1.74 -16.42 9.15
N HIS B 83 2.36 -17.45 9.74
CA HIS B 83 3.70 -17.84 9.32
C HIS B 83 3.69 -18.51 7.95
N GLU B 84 2.61 -19.19 7.59
CA GLU B 84 2.46 -19.81 6.29
C GLU B 84 1.72 -18.91 5.29
N GLU B 85 1.50 -17.66 5.63
CA GLU B 85 0.93 -16.66 4.74
C GLU B 85 2.03 -15.74 4.21
N LYS B 86 1.76 -15.13 3.05
CA LYS B 86 2.71 -14.18 2.48
C LYS B 86 2.69 -12.86 3.25
N THR B 96 20.98 -14.85 11.57
CA THR B 96 20.39 -13.55 11.28
C THR B 96 21.10 -12.87 10.10
N ASP B 97 20.48 -11.82 9.54
CA ASP B 97 21.06 -11.06 8.44
C ASP B 97 21.51 -9.67 8.83
N MET B 98 21.09 -9.17 9.98
CA MET B 98 21.51 -7.86 10.52
C MET B 98 21.22 -6.74 9.50
N LYS B 99 19.96 -6.67 9.08
CA LYS B 99 19.52 -5.71 8.09
C LYS B 99 18.09 -5.28 8.41
N ARG B 100 17.76 -4.05 8.07
CA ARG B 100 16.42 -3.52 8.25
C ARG B 100 15.49 -4.05 7.15
N THR B 101 14.44 -4.78 7.54
CA THR B 101 13.58 -5.52 6.62
C THR B 101 12.14 -5.01 6.64
N PRO B 102 11.49 -4.87 5.48
CA PRO B 102 10.09 -4.41 5.44
C PRO B 102 9.06 -5.52 5.57
N TYR B 103 7.96 -5.18 6.24
CA TYR B 103 6.80 -6.06 6.34
C TYR B 103 5.54 -5.21 6.18
N PRO B 104 5.26 -4.75 4.96
CA PRO B 104 4.11 -3.87 4.74
C PRO B 104 2.81 -4.55 5.13
N HIS B 105 1.83 -3.75 5.49
CA HIS B 105 0.53 -4.30 5.83
C HIS B 105 -0.14 -4.86 4.57
N PRO B 106 -0.68 -6.08 4.62
CA PRO B 106 -1.30 -6.66 3.42
C PRO B 106 -2.52 -5.90 2.92
N LYS B 107 -3.32 -5.28 3.80
CA LYS B 107 -4.54 -4.62 3.36
C LYS B 107 -4.46 -3.09 3.37
N LEU B 108 -3.54 -2.51 4.13
CA LEU B 108 -3.41 -1.08 4.23
C LEU B 108 -2.12 -0.65 3.58
N PRO B 109 -2.17 0.04 2.44
CA PRO B 109 -0.92 0.42 1.74
C PRO B 109 -0.05 1.38 2.53
N ASN B 110 -0.63 2.21 3.37
CA ASN B 110 0.16 3.23 4.06
C ASN B 110 0.92 2.70 5.28
N VAL B 111 0.89 1.41 5.58
CA VAL B 111 1.38 0.88 6.86
C VAL B 111 2.48 -0.13 6.59
N THR B 112 3.67 0.13 7.14
CA THR B 112 4.81 -0.78 7.01
C THR B 112 5.42 -1.04 8.39
N ILE B 113 5.67 -2.32 8.68
CA ILE B 113 6.36 -2.70 9.92
C ILE B 113 7.81 -3.05 9.59
N TRP B 114 8.73 -2.41 10.28
CA TRP B 114 10.15 -2.50 10.01
C TRP B 114 10.84 -3.37 11.07
N ASP B 115 11.60 -4.37 10.63
CA ASP B 115 12.41 -5.21 11.51
C ASP B 115 13.79 -4.59 11.66
N LEU B 116 14.14 -4.21 12.89
CA LEU B 116 15.44 -3.63 13.18
C LEU B 116 16.25 -4.59 14.04
N PRO B 117 17.43 -5.03 13.62
CA PRO B 117 18.27 -5.87 14.48
C PRO B 117 18.67 -5.15 15.78
N GLY B 118 18.87 -5.94 16.82
CA GLY B 118 19.11 -5.37 18.14
C GLY B 118 20.37 -4.53 18.18
N ILE B 119 20.32 -3.48 19.00
CA ILE B 119 21.50 -2.61 19.18
C ILE B 119 22.67 -3.43 19.68
N GLY B 120 22.41 -4.47 20.48
CA GLY B 120 23.48 -5.35 20.91
C GLY B 120 24.10 -6.10 19.75
N THR B 121 23.32 -6.39 18.71
CA THR B 121 23.86 -7.09 17.55
C THR B 121 24.88 -6.23 16.80
N THR B 122 24.72 -4.91 16.84
CA THR B 122 25.70 -4.01 16.26
C THR B 122 26.54 -3.38 17.37
N ASN B 123 27.38 -2.42 17.00
CA ASN B 123 28.23 -1.67 17.92
C ASN B 123 28.08 -0.19 17.59
N PHE B 124 26.94 0.38 17.97
CA PHE B 124 26.65 1.79 17.73
C PHE B 124 26.34 2.46 19.05
N THR B 125 26.73 3.73 19.17
CA THR B 125 26.20 4.54 20.25
C THR B 125 24.70 4.70 20.04
N PRO B 126 23.92 4.93 21.13
CA PRO B 126 22.46 5.06 20.98
C PRO B 126 22.01 5.89 19.79
N GLN B 127 22.58 7.10 19.63
CA GLN B 127 22.14 7.98 18.56
C GLN B 127 22.58 7.50 17.19
N ASN B 128 23.76 6.86 17.10
CA ASN B 128 24.23 6.40 15.79
C ASN B 128 23.43 5.21 15.29
N TYR B 129 22.96 4.35 16.19
CA TYR B 129 22.10 3.24 15.79
C TYR B 129 20.81 3.76 15.18
N LEU B 130 20.23 4.80 15.77
CA LEU B 130 19.01 5.40 15.23
C LEU B 130 19.27 6.06 13.89
N THR B 131 20.36 6.82 13.79
CA THR B 131 20.69 7.49 12.54
C THR B 131 20.97 6.48 11.43
N GLU B 132 21.63 5.37 11.77
CA GLU B 132 21.86 4.30 10.79
C GLU B 132 20.54 3.68 10.33
N MET B 133 19.63 3.42 11.27
CA MET B 133 18.35 2.78 10.97
C MET B 133 17.34 3.73 10.37
N LYS B 134 17.67 5.02 10.24
CA LYS B 134 16.77 6.05 9.72
C LYS B 134 15.56 6.22 10.65
N PHE B 135 15.86 6.71 11.85
CA PHE B 135 14.83 6.81 12.88
C PHE B 135 13.76 7.83 12.51
N GLY B 136 14.10 8.85 11.73
CA GLY B 136 13.13 9.87 11.37
C GLY B 136 12.00 9.35 10.51
N GLU B 137 12.16 8.17 9.92
CA GLU B 137 11.14 7.60 9.05
C GLU B 137 10.02 6.90 9.83
N TYR B 138 10.30 6.40 11.05
CA TYR B 138 9.31 5.66 11.82
C TYR B 138 8.46 6.59 12.68
N ASP B 139 7.27 6.10 13.06
CA ASP B 139 6.31 6.82 13.89
C ASP B 139 6.57 6.61 15.39
N PHE B 140 7.01 5.42 15.79
CA PHE B 140 7.41 5.13 17.16
C PHE B 140 8.20 3.82 17.16
N PHE B 141 8.85 3.55 18.28
CA PHE B 141 9.70 2.38 18.44
C PHE B 141 9.08 1.39 19.43
N ILE B 142 9.15 0.11 19.08
CA ILE B 142 8.74 -0.96 19.97
C ILE B 142 10.01 -1.74 20.32
N ILE B 143 10.51 -1.56 21.54
CA ILE B 143 11.62 -2.37 22.05
C ILE B 143 11.04 -3.65 22.62
N ILE B 144 11.31 -4.77 21.95
CA ILE B 144 10.73 -6.04 22.31
C ILE B 144 11.81 -6.91 22.96
N SER B 145 11.35 -7.89 23.76
CA SER B 145 12.24 -8.81 24.46
C SER B 145 11.45 -10.04 24.87
N ALA B 146 12.13 -11.19 24.89
CA ALA B 146 11.52 -12.43 25.34
C ALA B 146 12.00 -12.85 26.72
N THR B 147 12.91 -12.07 27.32
CA THR B 147 13.48 -12.41 28.61
C THR B 147 13.50 -11.17 29.50
N ARG B 148 14.52 -10.32 29.36
CA ARG B 148 14.64 -9.13 30.19
C ARG B 148 15.28 -8.01 29.38
N PHE B 149 15.00 -6.77 29.81
CA PHE B 149 15.61 -5.59 29.21
C PHE B 149 16.91 -5.25 29.93
N LYS B 150 17.86 -4.68 29.18
CA LYS B 150 19.20 -4.37 29.67
C LYS B 150 19.45 -2.87 29.62
N GLU B 151 20.65 -2.46 30.07
CA GLU B 151 21.04 -1.05 29.98
C GLU B 151 21.20 -0.61 28.54
N ASN B 152 21.53 -1.54 27.63
CA ASN B 152 21.54 -1.21 26.21
C ASN B 152 20.17 -0.73 25.76
N ASP B 153 19.13 -1.44 26.15
CA ASP B 153 17.77 -1.05 25.79
C ASP B 153 17.37 0.24 26.49
N ALA B 154 17.82 0.44 27.73
CA ALA B 154 17.43 1.63 28.49
C ALA B 154 18.10 2.89 27.95
N GLN B 155 19.33 2.77 27.42
CA GLN B 155 19.95 3.93 26.80
C GLN B 155 19.26 4.27 25.49
N LEU B 156 19.01 3.25 24.67
CA LEU B 156 18.26 3.38 23.42
C LEU B 156 17.02 4.23 23.62
N ALA B 157 16.34 4.03 24.76
CA ALA B 157 15.12 4.78 25.04
C ALA B 157 15.42 6.24 25.37
N LYS B 158 16.44 6.48 26.20
CA LYS B 158 16.74 7.85 26.61
C LYS B 158 17.11 8.71 25.39
N ALA B 159 17.80 8.12 24.42
CA ALA B 159 18.07 8.85 23.18
C ALA B 159 16.78 9.21 22.47
N ILE B 160 15.93 8.21 22.25
CA ILE B 160 14.61 8.42 21.66
C ILE B 160 13.85 9.54 22.35
N ALA B 161 14.01 9.67 23.68
CA ALA B 161 13.22 10.63 24.44
C ALA B 161 13.61 12.06 24.12
N GLN B 162 14.91 12.36 24.09
CA GLN B 162 15.35 13.69 23.72
C GLN B 162 15.22 13.92 22.21
N MET B 163 15.23 12.85 21.41
CA MET B 163 14.88 12.97 20.01
C MET B 163 13.41 13.32 19.80
N GLY B 164 12.59 13.17 20.84
CA GLY B 164 11.17 13.47 20.76
C GLY B 164 10.29 12.31 20.34
N MET B 165 10.85 11.15 20.02
CA MET B 165 10.06 10.04 19.52
C MET B 165 9.49 9.23 20.69
N ASN B 166 8.89 8.08 20.40
CA ASN B 166 8.22 7.26 21.41
C ASN B 166 8.72 5.82 21.37
N PHE B 167 8.91 5.25 22.55
CA PHE B 167 9.38 3.88 22.73
C PHE B 167 8.39 3.11 23.59
N TYR B 168 8.33 1.79 23.39
CA TYR B 168 7.42 0.96 24.17
C TYR B 168 8.10 -0.36 24.45
N PHE B 169 8.29 -0.66 25.73
CA PHE B 169 8.88 -1.92 26.16
C PHE B 169 7.83 -3.00 26.13
N VAL B 170 8.09 -4.06 25.37
CA VAL B 170 7.13 -5.13 25.15
C VAL B 170 7.84 -6.45 25.38
N ARG B 171 7.41 -7.18 26.40
CA ARG B 171 8.00 -8.48 26.71
C ARG B 171 7.10 -9.57 26.15
N THR B 172 7.66 -10.39 25.26
CA THR B 172 6.94 -11.46 24.58
C THR B 172 7.20 -12.80 25.26
N LYS B 173 6.68 -13.87 24.64
CA LYS B 173 6.88 -15.23 25.09
C LYS B 173 6.34 -15.47 26.50
N ILE B 174 5.37 -14.66 26.93
CA ILE B 174 4.74 -14.83 28.23
C ILE B 174 4.16 -16.22 28.37
N ASP B 175 3.47 -16.70 27.33
CA ASP B 175 2.75 -17.98 27.42
C ASP B 175 3.72 -19.16 27.48
N SER B 176 4.85 -19.07 26.79
CA SER B 176 5.77 -20.21 26.79
C SER B 176 6.54 -20.30 28.11
N ASP B 177 7.08 -19.17 28.59
CA ASP B 177 7.74 -19.21 29.89
C ASP B 177 6.76 -19.42 31.04
N LEU B 178 5.46 -19.23 30.79
CA LEU B 178 4.43 -19.65 31.74
C LEU B 178 4.26 -21.16 31.73
N ASP B 179 4.32 -21.78 30.54
CA ASP B 179 4.25 -23.22 30.44
C ASP B 179 5.51 -23.89 30.98
N ASN B 180 6.67 -23.26 30.83
CA ASN B 180 7.89 -23.75 31.45
C ASN B 180 7.74 -23.77 32.98
N GLU B 181 7.40 -22.62 33.58
CA GLU B 181 7.20 -22.54 35.03
C GLU B 181 6.22 -23.59 35.53
N GLN B 182 5.25 -23.97 34.69
CA GLN B 182 4.33 -25.03 35.07
C GLN B 182 5.02 -26.39 35.08
N LYS B 183 6.00 -26.61 34.20
CA LYS B 183 6.73 -27.87 34.21
C LYS B 183 7.61 -27.99 35.46
N PHE B 184 8.36 -26.92 35.78
CA PHE B 184 9.15 -26.89 37.01
C PHE B 184 8.30 -27.21 38.24
N LYS B 185 7.18 -26.51 38.39
CA LYS B 185 6.32 -26.64 39.57
C LYS B 185 4.94 -27.09 39.13
N PRO B 186 4.78 -28.36 38.76
CA PRO B 186 3.47 -28.83 38.27
C PRO B 186 2.35 -28.74 39.28
N LYS B 187 2.66 -28.62 40.58
CA LYS B 187 1.62 -28.61 41.61
C LYS B 187 1.47 -27.27 42.32
N SER B 188 2.52 -26.47 42.43
CA SER B 188 2.43 -25.17 43.09
C SER B 188 2.33 -24.02 42.10
N PHE B 189 2.15 -24.31 40.82
CA PHE B 189 2.10 -23.29 39.79
C PHE B 189 0.96 -22.33 40.04
N ASN B 190 1.24 -21.04 39.89
CA ASN B 190 0.18 -20.03 39.91
C ASN B 190 0.48 -19.00 38.84
N LYS B 191 -0.42 -18.92 37.84
CA LYS B 191 -0.26 -18.02 36.71
C LYS B 191 0.00 -16.59 37.18
N GLU B 192 -0.79 -16.11 38.15
CA GLU B 192 -0.70 -14.71 38.55
C GLU B 192 0.62 -14.41 39.25
N GLU B 193 1.15 -15.34 40.06
CA GLU B 193 2.44 -15.11 40.69
C GLU B 193 3.58 -15.15 39.66
N VAL B 194 3.47 -15.97 38.62
CA VAL B 194 4.51 -16.00 37.59
C VAL B 194 4.52 -14.70 36.81
N LEU B 195 3.32 -14.23 36.42
CA LEU B 195 3.21 -12.93 35.75
C LEU B 195 3.77 -11.83 36.61
N LYS B 196 3.42 -11.83 37.91
CA LYS B 196 3.93 -10.81 38.82
C LYS B 196 5.46 -10.75 38.81
N ASN B 197 6.12 -11.91 38.84
CA ASN B 197 7.58 -11.96 38.92
C ASN B 197 8.25 -11.49 37.62
N ILE B 198 7.63 -11.74 36.46
CA ILE B 198 8.18 -11.21 35.21
C ILE B 198 8.11 -9.68 35.20
N LYS B 199 7.01 -9.11 35.69
CA LYS B 199 6.90 -7.65 35.76
C LYS B 199 8.09 -7.05 36.50
N ASP B 200 8.41 -7.61 37.66
CA ASP B 200 9.60 -7.16 38.39
C ASP B 200 10.88 -7.56 37.67
N TYR B 201 10.92 -8.77 37.10
CA TYR B 201 12.12 -9.24 36.41
C TYR B 201 12.44 -8.38 35.18
N CYS B 202 11.42 -8.12 34.33
CA CYS B 202 11.66 -7.37 33.10
C CYS B 202 11.98 -5.91 33.38
N SER B 203 11.25 -5.28 34.30
CA SER B 203 11.40 -3.86 34.57
C SER B 203 12.49 -3.54 35.58
N ASN B 204 13.05 -4.55 36.25
CA ASN B 204 14.09 -4.32 37.25
C ASN B 204 15.23 -3.51 36.67
N HIS B 205 15.71 -3.95 35.50
CA HIS B 205 16.84 -3.31 34.83
C HIS B 205 16.37 -2.12 33.98
N LEU B 206 15.51 -1.26 34.54
CA LEU B 206 14.91 -0.19 33.75
C LEU B 206 14.63 1.07 34.55
N GLN B 207 14.84 1.02 35.87
CA GLN B 207 14.47 2.16 36.71
C GLN B 207 15.66 2.67 37.49
N SER B 212 14.09 6.98 34.19
CA SER B 212 12.69 7.34 34.44
C SER B 212 11.85 6.12 34.84
N GLU B 213 10.55 6.17 34.56
CA GLU B 213 9.58 5.14 34.99
C GLU B 213 8.76 4.63 33.81
N PRO B 214 9.35 3.81 32.95
CA PRO B 214 8.63 3.38 31.74
C PRO B 214 7.85 2.10 31.97
N PRO B 215 6.62 2.03 31.50
CA PRO B 215 5.83 0.80 31.68
C PRO B 215 6.24 -0.28 30.70
N VAL B 216 5.91 -1.51 31.05
CA VAL B 216 6.27 -2.71 30.30
C VAL B 216 5.02 -3.51 30.02
N PHE B 217 4.78 -3.81 28.75
CA PHE B 217 3.60 -4.54 28.33
C PHE B 217 3.96 -6.00 28.13
N LEU B 218 3.33 -6.88 28.90
CA LEU B 218 3.46 -8.32 28.70
C LEU B 218 2.48 -8.74 27.61
N VAL B 219 2.98 -9.49 26.62
CA VAL B 219 2.16 -9.92 25.51
C VAL B 219 2.57 -11.34 25.13
N SER B 220 1.66 -12.01 24.43
CA SER B 220 1.91 -13.33 23.83
C SER B 220 1.85 -13.13 22.32
N ASN B 221 2.99 -13.37 21.65
CA ASN B 221 3.05 -13.16 20.19
C ASN B 221 1.95 -13.94 19.46
N VAL B 222 1.55 -15.08 20.02
CA VAL B 222 0.53 -15.89 19.36
C VAL B 222 -0.82 -15.16 19.35
N ASP B 223 -1.20 -14.58 20.48
CA ASP B 223 -2.52 -13.99 20.66
C ASP B 223 -2.41 -12.60 21.24
N ILE B 224 -2.89 -11.61 20.49
CA ILE B 224 -2.92 -10.23 20.96
C ILE B 224 -4.14 -9.92 21.80
N SER B 225 -5.05 -10.87 21.96
CA SER B 225 -6.23 -10.62 22.79
C SER B 225 -5.98 -10.88 24.28
N LYS B 226 -4.73 -10.82 24.74
CA LYS B 226 -4.50 -11.17 26.12
C LYS B 226 -3.32 -10.39 26.67
N TYR B 227 -3.23 -10.43 27.99
CA TYR B 227 -2.18 -9.79 28.80
C TYR B 227 -2.30 -8.29 28.61
N ASP B 228 -1.18 -7.61 28.36
CA ASP B 228 -1.13 -6.16 28.22
C ASP B 228 -1.24 -5.68 26.78
N PHE B 229 -1.35 -6.57 25.80
CA PHE B 229 -1.44 -6.05 24.44
C PHE B 229 -2.63 -5.08 24.28
N PRO B 230 -3.82 -5.37 24.83
CA PRO B 230 -4.92 -4.40 24.70
C PRO B 230 -4.62 -3.08 25.38
N LYS B 231 -3.88 -3.10 26.49
CA LYS B 231 -3.39 -1.87 27.10
C LYS B 231 -2.39 -1.18 26.19
N LEU B 232 -1.58 -1.96 25.49
CA LEU B 232 -0.57 -1.37 24.61
C LEU B 232 -1.24 -0.63 23.46
N GLU B 233 -2.27 -1.23 22.87
CA GLU B 233 -2.90 -0.57 21.74
C GLU B 233 -3.72 0.64 22.18
N THR B 234 -4.32 0.57 23.38
CA THR B 234 -4.90 1.79 23.93
C THR B 234 -3.86 2.90 24.09
N LYS B 235 -2.63 2.53 24.48
CA LYS B 235 -1.63 3.56 24.77
C LYS B 235 -0.99 4.08 23.48
N LEU B 236 -0.77 3.21 22.51
CA LEU B 236 -0.27 3.64 21.21
C LEU B 236 -1.23 4.61 20.55
N LEU B 237 -2.54 4.37 20.67
CA LEU B 237 -3.53 5.30 20.12
C LEU B 237 -3.46 6.64 20.83
N GLN B 238 -3.39 6.61 22.16
CA GLN B 238 -3.25 7.83 22.94
C GLN B 238 -2.04 8.64 22.48
N ASP B 239 -0.90 7.99 22.25
CA ASP B 239 0.31 8.75 21.94
C ASP B 239 0.40 9.21 20.49
N LEU B 240 -0.30 8.56 19.57
CA LEU B 240 -0.18 8.91 18.16
C LEU B 240 -0.80 10.27 17.89
N PRO B 241 -0.28 11.01 16.91
CA PRO B 241 -1.03 12.17 16.40
C PRO B 241 -2.43 11.73 15.97
N ALA B 242 -3.41 12.60 16.19
CA ALA B 242 -4.81 12.22 15.98
C ALA B 242 -5.05 11.63 14.59
N HIS B 243 -4.44 12.22 13.56
CA HIS B 243 -4.75 11.83 12.19
C HIS B 243 -4.16 10.48 11.81
N LYS B 244 -3.26 9.92 12.64
CA LYS B 244 -2.76 8.59 12.40
C LYS B 244 -3.57 7.51 13.12
N ARG B 245 -4.48 7.91 14.01
CA ARG B 245 -5.24 6.94 14.79
C ARG B 245 -6.17 6.11 13.92
N HIS B 246 -6.74 6.73 12.88
CA HIS B 246 -7.60 6.00 11.96
C HIS B 246 -6.85 4.85 11.32
N VAL B 247 -5.73 5.13 10.66
CA VAL B 247 -5.03 4.05 9.97
C VAL B 247 -4.50 3.04 10.99
N PHE B 248 -4.00 3.49 12.13
CA PHE B 248 -3.53 2.54 13.13
C PHE B 248 -4.68 1.65 13.60
N SER B 249 -5.82 2.25 13.97
CA SER B 249 -6.98 1.45 14.39
C SER B 249 -7.39 0.43 13.32
N LEU B 250 -7.36 0.81 12.04
CA LEU B 250 -7.74 -0.11 10.97
C LEU B 250 -6.71 -1.22 10.78
N SER B 251 -5.45 -0.98 11.13
CA SER B 251 -4.40 -1.96 10.87
C SER B 251 -4.47 -3.19 11.76
N LEU B 252 -5.04 -3.07 12.96
CA LEU B 252 -5.10 -4.21 13.87
C LEU B 252 -6.09 -5.25 13.40
N GLN B 253 -5.72 -6.52 13.55
CA GLN B 253 -6.66 -7.58 13.21
C GLN B 253 -7.84 -7.58 14.20
N SER B 254 -9.01 -7.97 13.69
CA SER B 254 -10.29 -7.84 14.41
C SER B 254 -10.46 -8.94 15.46
N LEU B 255 -9.51 -9.01 16.41
CA LEU B 255 -9.39 -10.18 17.27
C LEU B 255 -9.94 -9.99 18.68
N THR B 256 -10.33 -8.77 19.07
CA THR B 256 -10.98 -8.54 20.34
C THR B 256 -12.18 -7.63 20.15
N GLU B 257 -13.06 -7.63 21.14
CA GLU B 257 -14.19 -6.72 21.11
C GLU B 257 -13.72 -5.28 21.16
N ALA B 258 -12.64 -5.05 21.90
CA ALA B 258 -12.07 -3.71 22.04
C ALA B 258 -11.52 -3.20 20.71
N THR B 259 -10.82 -4.07 19.97
CA THR B 259 -10.25 -3.69 18.68
C THR B 259 -11.33 -3.45 17.65
N ILE B 260 -12.30 -4.36 17.56
CA ILE B 260 -13.52 -4.13 16.77
C ILE B 260 -14.11 -2.77 17.07
N ASN B 261 -14.29 -2.45 18.36
CA ASN B 261 -15.00 -1.22 18.70
C ASN B 261 -14.17 0.02 18.39
N TYR B 262 -12.85 -0.09 18.41
CA TYR B 262 -12.00 1.03 17.98
C TYR B 262 -12.18 1.32 16.50
N LYS B 263 -12.15 0.27 15.66
CA LYS B 263 -12.38 0.47 14.23
C LYS B 263 -13.75 1.07 13.98
N ARG B 264 -14.77 0.56 14.65
CA ARG B 264 -16.13 1.06 14.47
C ARG B 264 -16.24 2.55 14.79
N ASP B 265 -15.72 2.96 15.95
CA ASP B 265 -15.80 4.37 16.34
C ASP B 265 -14.96 5.28 15.44
N SER B 266 -13.79 4.81 15.00
CA SER B 266 -12.97 5.57 14.06
C SER B 266 -13.73 5.82 12.76
N LEU B 267 -14.35 4.76 12.23
CA LEU B 267 -15.12 4.87 10.98
C LEU B 267 -16.34 5.76 11.15
N LYS B 268 -17.01 5.69 12.32
CA LYS B 268 -18.18 6.54 12.54
C LYS B 268 -17.82 8.01 12.46
N GLN B 269 -16.68 8.40 13.05
CA GLN B 269 -16.27 9.81 13.02
C GLN B 269 -15.93 10.23 11.60
N LYS B 270 -15.34 9.32 10.83
CA LYS B 270 -14.97 9.66 9.47
C LYS B 270 -16.20 9.87 8.59
N VAL B 271 -17.21 9.00 8.71
CA VAL B 271 -18.42 9.19 7.89
C VAL B 271 -19.19 10.43 8.34
N PHE B 272 -19.12 10.77 9.64
CA PHE B 272 -19.69 12.03 10.11
C PHE B 272 -19.05 13.22 9.38
N LEU B 273 -17.72 13.26 9.36
CA LEU B 273 -17.01 14.37 8.70
C LEU B 273 -17.32 14.39 7.20
N GLU B 274 -17.38 13.22 6.57
CA GLU B 274 -17.65 13.16 5.14
C GLU B 274 -19.05 13.68 4.82
N ALA B 275 -20.05 13.27 5.61
CA ALA B 275 -21.42 13.76 5.42
C ALA B 275 -21.49 15.27 5.55
N MET B 276 -20.78 15.83 6.54
CA MET B 276 -20.77 17.28 6.75
C MET B 276 -20.22 18.00 5.54
N LYS B 277 -19.06 17.55 5.04
CA LYS B 277 -18.42 18.31 3.99
C LYS B 277 -19.19 18.20 2.66
N ALA B 278 -19.94 17.12 2.47
CA ALA B 278 -20.71 16.95 1.23
C ALA B 278 -22.16 17.39 1.37
N GLY B 279 -22.68 17.52 2.60
CA GLY B 279 -24.08 17.79 2.83
C GLY B 279 -24.53 19.23 2.63
N ALA B 280 -23.62 20.15 2.35
CA ALA B 280 -23.94 21.58 2.32
C ALA B 280 -24.50 22.03 0.98
N LEU B 281 -23.90 21.58 -0.10
CA LEU B 281 -24.21 22.00 -1.47
C LEU B 281 -24.04 20.79 -2.37
N ALA B 282 -25.04 20.52 -3.21
CA ALA B 282 -24.96 19.39 -4.14
C ALA B 282 -25.58 19.75 -5.49
N THR B 283 -25.18 18.97 -6.50
CA THR B 283 -25.91 18.91 -7.76
C THR B 283 -26.39 17.48 -7.96
N ILE B 284 -27.11 16.97 -6.97
CA ILE B 284 -27.49 15.56 -6.86
C ILE B 284 -28.90 15.40 -7.41
N PRO B 285 -29.33 14.18 -7.81
CA PRO B 285 -30.74 13.92 -8.16
C PRO B 285 -31.72 14.48 -7.13
N GLY B 288 -34.78 10.69 -6.27
CA GLY B 288 -33.86 9.88 -5.47
C GLY B 288 -34.56 8.86 -4.59
N MET B 289 -33.96 7.67 -4.51
CA MET B 289 -34.51 6.57 -3.74
C MET B 289 -33.48 6.05 -2.73
N ILE B 290 -33.96 5.33 -1.72
CA ILE B 290 -33.05 4.66 -0.81
C ILE B 290 -32.22 3.63 -1.54
N SER B 291 -32.85 2.85 -2.43
CA SER B 291 -32.11 1.84 -3.17
C SER B 291 -31.01 2.46 -4.03
N ASP B 292 -31.15 3.74 -4.41
CA ASP B 292 -30.08 4.43 -5.12
C ASP B 292 -28.85 4.61 -4.24
N ILE B 293 -29.08 5.05 -3.00
CA ILE B 293 -27.97 5.25 -2.06
C ILE B 293 -27.29 3.94 -1.76
N LEU B 294 -28.08 2.88 -1.55
CA LEU B 294 -27.48 1.60 -1.20
C LEU B 294 -26.62 1.08 -2.35
N GLU B 295 -27.06 1.27 -3.60
CA GLU B 295 -26.23 0.84 -4.72
C GLU B 295 -24.93 1.64 -4.78
N ASN B 296 -25.02 2.97 -4.64
CA ASN B 296 -23.83 3.82 -4.59
C ASN B 296 -22.89 3.40 -3.47
N LEU B 297 -23.44 2.95 -2.34
CA LEU B 297 -22.64 2.60 -1.17
C LEU B 297 -22.06 1.21 -1.25
N ASP B 298 -22.36 0.43 -2.30
CA ASP B 298 -22.06 -0.99 -2.23
C ASP B 298 -20.57 -1.26 -2.05
N GLU B 299 -19.72 -0.57 -2.82
CA GLU B 299 -18.29 -0.82 -2.69
C GLU B 299 -17.75 -0.29 -1.36
N THR B 300 -18.37 0.75 -0.83
CA THR B 300 -17.95 1.20 0.49
C THR B 300 -18.32 0.17 1.56
N PHE B 301 -19.50 -0.45 1.44
CA PHE B 301 -19.86 -1.50 2.39
C PHE B 301 -18.87 -2.65 2.31
N ASN B 302 -18.40 -2.97 1.10
CA ASN B 302 -17.42 -4.04 0.95
C ASN B 302 -16.10 -3.66 1.60
N LEU B 303 -15.69 -2.41 1.46
CA LEU B 303 -14.51 -1.93 2.17
C LEU B 303 -14.69 -2.07 3.69
N TYR B 304 -15.84 -1.62 4.23
CA TYR B 304 -16.06 -1.76 5.67
C TYR B 304 -15.99 -3.22 6.08
N ARG B 305 -16.59 -4.10 5.27
CA ARG B 305 -16.51 -5.52 5.53
C ARG B 305 -15.05 -5.98 5.68
N SER B 306 -14.16 -5.51 4.79
CA SER B 306 -12.77 -5.98 4.86
C SER B 306 -12.07 -5.46 6.11
N TYR B 307 -12.41 -4.26 6.57
CA TYR B 307 -11.83 -3.76 7.81
C TYR B 307 -12.19 -4.66 9.01
N PHE B 308 -13.36 -5.27 8.97
CA PHE B 308 -13.82 -6.07 10.09
C PHE B 308 -13.52 -7.57 9.99
N GLY B 309 -12.89 -8.03 8.90
CA GLY B 309 -12.73 -9.46 8.68
C GLY B 309 -13.96 -10.16 8.13
N LEU B 310 -14.85 -9.43 7.46
CA LEU B 310 -16.09 -9.99 6.96
C LEU B 310 -16.15 -10.02 5.44
N ASP B 311 -15.02 -9.82 4.77
CA ASP B 311 -14.94 -10.01 3.32
C ASP B 311 -15.17 -11.48 2.97
N ASP B 312 -15.56 -11.73 1.72
CA ASP B 312 -15.94 -13.09 1.31
C ASP B 312 -14.83 -14.09 1.60
N ALA B 313 -13.57 -13.70 1.34
CA ALA B 313 -12.45 -14.61 1.56
C ALA B 313 -12.31 -14.97 3.04
N SER B 314 -12.31 -13.96 3.92
CA SER B 314 -12.27 -14.27 5.35
C SER B 314 -13.47 -15.12 5.78
N LEU B 315 -14.63 -14.91 5.15
CA LEU B 315 -15.82 -15.69 5.47
C LEU B 315 -15.65 -17.15 5.02
N GLU B 316 -15.00 -17.38 3.87
CA GLU B 316 -14.70 -18.75 3.42
C GLU B 316 -13.91 -19.51 4.46
N ASN B 317 -12.84 -18.91 5.00
CA ASN B 317 -12.02 -19.61 5.96
C ASN B 317 -12.83 -20.02 7.20
N ILE B 318 -13.87 -19.26 7.55
CA ILE B 318 -14.74 -19.67 8.65
C ILE B 318 -15.87 -20.58 8.17
N ALA B 319 -16.48 -20.25 7.02
CA ALA B 319 -17.53 -21.09 6.45
C ALA B 319 -17.04 -22.50 6.14
N GLN B 320 -15.76 -22.64 5.77
CA GLN B 320 -15.21 -23.97 5.56
C GLN B 320 -15.10 -24.74 6.87
N ASP B 321 -14.63 -24.09 7.94
CA ASP B 321 -14.56 -24.76 9.23
C ASP B 321 -15.93 -25.26 9.65
N LEU B 322 -16.99 -24.50 9.35
CA LEU B 322 -18.35 -24.86 9.72
C LEU B 322 -19.03 -25.78 8.70
N ASN B 323 -18.32 -26.24 7.67
CA ASN B 323 -18.91 -27.03 6.60
C ASN B 323 -20.22 -26.39 6.11
N MET B 324 -20.03 -25.22 5.52
CA MET B 324 -21.13 -24.33 5.17
C MET B 324 -20.69 -23.53 3.96
N SER B 325 -21.61 -23.27 3.05
CA SER B 325 -21.33 -22.34 1.97
C SER B 325 -21.33 -20.92 2.51
N VAL B 326 -20.54 -20.06 1.87
CA VAL B 326 -20.55 -18.65 2.25
C VAL B 326 -21.94 -18.06 2.02
N ASP B 327 -22.67 -18.59 1.04
CA ASP B 327 -24.06 -18.18 0.85
C ASP B 327 -24.92 -18.57 2.05
N ASP B 328 -24.75 -19.80 2.54
CA ASP B 328 -25.50 -20.21 3.72
C ASP B 328 -25.02 -19.46 4.96
N PHE B 329 -23.70 -19.28 5.11
CA PHE B 329 -23.15 -18.57 6.26
C PHE B 329 -23.73 -17.16 6.38
N LYS B 330 -23.85 -16.45 5.27
CA LYS B 330 -24.40 -15.10 5.28
C LYS B 330 -25.86 -15.05 5.71
N VAL B 331 -26.59 -16.18 5.67
CA VAL B 331 -27.97 -16.11 6.12
C VAL B 331 -28.01 -15.90 7.64
N HIS B 332 -26.97 -16.33 8.35
CA HIS B 332 -26.83 -16.21 9.80
C HIS B 332 -26.21 -14.88 10.25
N LEU B 333 -25.62 -14.11 9.33
CA LEU B 333 -24.99 -12.83 9.64
C LEU B 333 -25.98 -11.70 9.34
N ARG B 334 -25.85 -10.62 10.10
CA ARG B 334 -26.85 -9.58 9.94
C ARG B 334 -26.58 -8.68 8.74
N PHE B 335 -25.30 -8.40 8.44
CA PHE B 335 -25.02 -7.32 7.49
C PHE B 335 -25.50 -7.57 6.06
N PRO B 336 -25.50 -8.78 5.49
CA PRO B 336 -25.95 -8.90 4.10
C PRO B 336 -27.42 -8.53 3.93
N HIS B 337 -28.21 -8.73 4.98
CA HIS B 337 -29.67 -8.65 4.91
C HIS B 337 -30.22 -7.37 5.49
N LEU B 338 -29.33 -6.47 5.90
CA LEU B 338 -29.70 -5.31 6.71
C LEU B 338 -30.91 -4.58 6.15
N PHE B 339 -30.91 -4.35 4.84
CA PHE B 339 -31.96 -3.59 4.19
C PHE B 339 -32.89 -4.59 3.49
N ALA B 340 -33.94 -5.01 4.20
CA ALA B 340 -34.96 -5.92 3.68
C ALA B 340 -36.33 -5.53 4.22
N GLU B 345 -43.18 -3.48 7.73
CA GLU B 345 -42.79 -2.07 7.71
C GLU B 345 -41.96 -1.74 6.48
N SER B 346 -42.13 -0.52 5.96
CA SER B 346 -41.38 -0.10 4.78
C SER B 346 -40.01 0.41 5.20
N LEU B 347 -39.06 0.34 4.25
CA LEU B 347 -37.69 0.72 4.57
C LEU B 347 -37.60 2.18 4.95
N GLU B 348 -38.47 3.03 4.41
CA GLU B 348 -38.41 4.45 4.71
C GLU B 348 -38.82 4.73 6.16
N ASP B 349 -39.95 4.18 6.59
CA ASP B 349 -40.38 4.39 7.97
C ASP B 349 -39.41 3.74 8.94
N LYS B 350 -38.89 2.56 8.58
CA LYS B 350 -37.84 1.96 9.39
C LYS B 350 -36.67 2.91 9.54
N LEU B 351 -36.16 3.43 8.41
CA LEU B 351 -35.02 4.34 8.46
C LEU B 351 -35.37 5.62 9.24
N PHE B 352 -36.54 6.21 8.97
CA PHE B 352 -36.85 7.47 9.64
C PHE B 352 -36.98 7.30 11.16
N LYS B 353 -37.51 6.15 11.61
CA LYS B 353 -37.54 5.88 13.04
C LYS B 353 -36.11 5.77 13.59
N TYR B 354 -35.26 5.06 12.87
CA TYR B 354 -33.85 4.96 13.24
C TYR B 354 -33.22 6.35 13.37
N ILE B 355 -33.47 7.22 12.39
CA ILE B 355 -32.82 8.53 12.39
C ILE B 355 -33.24 9.32 13.63
N LYS B 356 -34.52 9.22 14.02
CA LYS B 356 -34.98 9.88 15.25
C LYS B 356 -34.16 9.43 16.46
N HIS B 357 -34.00 8.12 16.64
CA HIS B 357 -33.31 7.58 17.80
C HIS B 357 -31.84 8.00 17.84
N ILE B 358 -31.11 7.79 16.74
CA ILE B 358 -29.68 8.08 16.74
C ILE B 358 -29.44 9.58 16.93
N SER B 359 -30.31 10.41 16.33
CA SER B 359 -30.12 11.86 16.40
C SER B 359 -30.32 12.40 17.81
N SER B 360 -31.13 11.74 18.63
CA SER B 360 -31.42 12.24 19.96
C SER B 360 -30.39 11.77 21.00
N VAL B 361 -30.07 10.47 21.00
CA VAL B 361 -29.14 9.97 22.01
C VAL B 361 -27.69 10.28 21.61
N THR B 362 -27.33 10.01 20.35
CA THR B 362 -26.09 10.48 19.77
C THR B 362 -26.40 11.74 18.98
N GLY B 363 -25.37 12.41 18.53
CA GLY B 363 -25.60 13.44 17.54
C GLY B 363 -25.63 12.87 16.14
N GLY B 364 -26.00 13.71 15.19
CA GLY B 364 -25.79 13.42 13.79
C GLY B 364 -25.18 14.64 13.14
N PRO B 365 -24.64 14.49 11.92
CA PRO B 365 -24.08 15.65 11.24
C PRO B 365 -25.20 16.50 10.70
N VAL B 366 -24.95 17.80 10.60
CA VAL B 366 -25.86 18.67 9.89
C VAL B 366 -25.51 18.57 8.40
N ALA B 367 -26.49 18.19 7.60
CA ALA B 367 -26.28 18.04 6.16
C ALA B 367 -27.60 18.42 5.50
N ALA B 368 -27.63 19.64 4.94
CA ALA B 368 -28.81 20.11 4.21
C ALA B 368 -29.18 19.17 3.07
N VAL B 369 -28.18 18.57 2.43
CA VAL B 369 -28.45 17.70 1.28
C VAL B 369 -28.92 16.35 1.78
N THR B 370 -30.17 15.99 1.43
CA THR B 370 -30.80 14.84 2.06
C THR B 370 -30.10 13.53 1.68
N TYR B 371 -29.58 13.44 0.46
CA TYR B 371 -28.83 12.25 0.07
C TYR B 371 -27.73 11.93 1.10
N TYR B 372 -26.94 12.94 1.47
CA TYR B 372 -25.77 12.72 2.33
C TYR B 372 -26.16 12.49 3.78
N ARG B 373 -27.23 13.16 4.23
CA ARG B 373 -27.81 12.89 5.54
C ARG B 373 -28.23 11.43 5.65
N MET B 374 -28.96 10.92 4.64
CA MET B 374 -29.39 9.54 4.73
C MET B 374 -28.21 8.59 4.63
N ALA B 375 -27.25 8.90 3.75
CA ALA B 375 -26.07 8.06 3.63
C ALA B 375 -25.29 7.99 4.94
N TYR B 376 -25.27 9.08 5.70
CA TYR B 376 -24.67 9.03 7.03
C TYR B 376 -25.31 7.93 7.89
N TYR B 377 -26.64 7.93 7.99
CA TYR B 377 -27.30 7.02 8.92
C TYR B 377 -27.30 5.58 8.42
N LEU B 378 -27.35 5.38 7.10
CA LEU B 378 -27.22 4.05 6.55
C LEU B 378 -25.82 3.48 6.80
N GLN B 379 -24.78 4.31 6.68
CA GLN B 379 -23.43 3.87 7.01
C GLN B 379 -23.28 3.67 8.52
N ASN B 380 -23.86 4.56 9.33
CA ASN B 380 -23.86 4.35 10.77
C ASN B 380 -24.43 2.98 11.13
N LEU B 381 -25.58 2.65 10.52
CA LEU B 381 -26.23 1.37 10.77
C LEU B 381 -25.38 0.19 10.29
N PHE B 382 -24.79 0.30 9.08
CA PHE B 382 -23.96 -0.79 8.58
C PHE B 382 -22.75 -1.05 9.49
N LEU B 383 -22.11 0.02 9.95
CA LEU B 383 -20.94 -0.12 10.83
C LEU B 383 -21.32 -0.81 12.15
N ASP B 384 -22.39 -0.36 12.81
CA ASP B 384 -22.82 -1.03 14.03
C ASP B 384 -23.11 -2.50 13.77
N THR B 385 -23.80 -2.79 12.67
CA THR B 385 -24.14 -4.18 12.32
C THR B 385 -22.89 -5.01 12.09
N ALA B 386 -21.95 -4.51 11.27
CA ALA B 386 -20.77 -5.29 10.96
C ALA B 386 -19.89 -5.47 12.18
N ALA B 387 -19.81 -4.44 13.03
CA ALA B 387 -19.11 -4.61 14.30
C ALA B 387 -19.71 -5.76 15.10
N ASN B 388 -21.04 -5.78 15.24
CA ASN B 388 -21.70 -6.86 15.96
C ASN B 388 -21.47 -8.22 15.29
N ASP B 389 -21.66 -8.30 13.97
CA ASP B 389 -21.28 -9.51 13.22
C ASP B 389 -19.83 -9.94 13.50
N ALA B 390 -18.89 -8.98 13.54
CA ALA B 390 -17.51 -9.34 13.78
C ALA B 390 -17.29 -9.88 15.20
N ILE B 391 -17.99 -9.32 16.19
CA ILE B 391 -17.80 -9.77 17.57
C ILE B 391 -18.22 -11.23 17.71
N ALA B 392 -19.34 -11.60 17.09
CA ALA B 392 -19.84 -12.97 17.19
C ALA B 392 -18.88 -13.95 16.51
N LEU B 393 -18.24 -13.52 15.43
CA LEU B 393 -17.33 -14.39 14.71
C LEU B 393 -16.03 -14.60 15.47
N LEU B 394 -15.83 -13.92 16.60
CA LEU B 394 -14.62 -14.15 17.40
C LEU B 394 -14.58 -15.60 17.90
N ASN B 395 -15.72 -16.12 18.35
CA ASN B 395 -15.85 -17.51 18.76
C ASN B 395 -16.99 -18.13 17.94
N SER B 396 -16.71 -18.33 16.64
CA SER B 396 -17.77 -18.66 15.69
C SER B 396 -18.28 -20.09 15.89
N LYS B 397 -17.39 -21.04 16.18
CA LYS B 397 -17.83 -22.42 16.39
C LYS B 397 -18.62 -22.57 17.69
N ALA B 398 -18.23 -21.82 18.73
CA ALA B 398 -18.86 -22.00 20.03
C ALA B 398 -20.28 -21.43 20.06
N LEU B 399 -20.54 -20.29 19.43
CA LEU B 399 -21.92 -19.83 19.60
C LEU B 399 -22.87 -20.58 18.68
N PHE B 400 -22.37 -21.09 17.55
CA PHE B 400 -23.21 -21.99 16.75
C PHE B 400 -23.64 -23.19 17.58
N GLU B 401 -22.74 -23.69 18.43
CA GLU B 401 -23.07 -24.81 19.32
C GLU B 401 -24.13 -24.40 20.35
N LYS B 402 -23.86 -23.35 21.12
CA LYS B 402 -24.88 -22.76 21.97
C LYS B 402 -26.21 -22.60 21.25
N LYS B 403 -26.17 -22.03 20.05
CA LYS B 403 -27.40 -21.75 19.31
C LYS B 403 -28.20 -23.03 19.03
N VAL B 404 -27.54 -24.10 18.62
CA VAL B 404 -28.29 -25.27 18.17
C VAL B 404 -28.63 -26.23 19.31
N GLY B 405 -27.91 -26.19 20.43
CA GLY B 405 -28.28 -26.98 21.59
C GLY B 405 -29.68 -26.64 22.07
N PRO B 406 -30.31 -27.51 22.85
CA PRO B 406 -31.71 -27.26 23.25
C PRO B 406 -31.91 -26.08 24.22
N TYR B 407 -30.86 -25.58 24.85
CA TYR B 407 -31.03 -24.74 26.04
C TYR B 407 -31.08 -23.26 25.69
N ILE B 408 -32.02 -22.54 26.30
CA ILE B 408 -31.98 -21.08 26.20
C ILE B 408 -31.19 -20.41 27.31
N SER B 409 -30.74 -21.16 28.32
CA SER B 409 -30.03 -20.55 29.43
C SER B 409 -28.52 -20.74 29.28
N GLU B 410 -27.77 -19.91 29.97
CA GLU B 410 -26.32 -20.07 30.01
C GLU B 410 -25.95 -21.31 30.82
N PRO B 411 -24.86 -21.98 30.45
CA PRO B 411 -24.44 -23.17 31.20
C PRO B 411 -23.97 -22.79 32.60
N PRO B 412 -24.16 -23.67 33.58
CA PRO B 412 -23.54 -23.45 34.90
C PRO B 412 -22.03 -23.41 34.80
N GLU B 413 -21.43 -22.46 35.52
CA GLU B 413 -19.98 -22.29 35.49
C GLU B 413 -19.27 -23.61 35.81
N TYR B 414 -18.23 -23.92 35.03
CA TYR B 414 -17.27 -25.02 35.21
C TYR B 414 -17.81 -26.39 34.83
N TRP B 415 -19.10 -26.55 34.54
CA TRP B 415 -19.66 -27.89 34.36
C TRP B 415 -19.40 -28.41 32.94
N GLU B 416 -19.67 -27.60 31.94
CA GLU B 416 -19.38 -28.00 30.57
C GLU B 416 -17.88 -28.08 30.32
N ALA B 417 -17.17 -26.97 30.51
CA ALA B 417 -15.72 -26.93 30.32
C ALA B 417 -15.02 -27.08 31.66
#